data_3IH9
#
_entry.id   3IH9
#
_cell.length_a   117.701
_cell.length_b   141.393
_cell.length_c   75.234
_cell.angle_alpha   90.000
_cell.angle_beta   104.480
_cell.angle_gamma   90.000
#
_symmetry.space_group_name_H-M   'C 1 2 1'
#
loop_
_entity.id
_entity.type
_entity.pdbx_description
1 polymer 'Salt-tolerant glutaminase'
2 water water
#
_entity_poly.entity_id   1
_entity_poly.type   'polypeptide(L)'
_entity_poly.pdbx_seq_one_letter_code
;MRHPIPDYLASLVTELGAVNPGETAQYIPVLAEADPDRFGIALATPTGRLHCAGDADVEFTIQSASKPFTYAAALVDRGF
AAVDRQVGLNPSGEAFNELSLEAESHRPDNAMINAGALAVHQLLVGPEASRKERLDRAVEIMSLLAGRRLSVDWETYESE
MAVSDRNLSLAHMLRSYGVLQDSAEEIVAGYVAQCAVLVTVKDLAVMGACLATGGIHPMTGERMLPSIVARRVVSVMTSS
GMYDAAGQWLADVGIPAKSGVAGGVLGALPGRVGIGVFSPRLDEVGNSARGVLACRRLSEDFRLHLMDGDSLGGTAVRFV
EREGDRVFLHLQGVIRFGGAEAVLDALTDLRTGAEKPGTGWDAAVYPRWQEAAADRAALSAATGGGAVHEAAAAAARDEN
DGPIRTVVLNLARVDRIDDVGRRLIAEGVRRLQADGVRVEVEDPERILPLEEAGAH
;
_entity_poly.pdbx_strand_id   A,B
#
# COMPACT_ATOMS: atom_id res chain seq x y z
N MET A 1 -0.78 17.50 55.18
CA MET A 1 -0.55 18.27 53.92
C MET A 1 -1.02 17.44 52.74
N ARG A 2 -1.52 18.12 51.71
CA ARG A 2 -2.01 17.44 50.53
C ARG A 2 -0.93 17.35 49.47
N HIS A 3 -0.88 16.21 48.78
CA HIS A 3 0.09 15.97 47.73
C HIS A 3 -0.05 16.96 46.60
N PRO A 4 1.05 17.64 46.23
CA PRO A 4 1.00 18.62 45.15
C PRO A 4 0.77 18.09 43.72
N ILE A 5 1.10 16.83 43.44
CA ILE A 5 0.90 16.28 42.09
C ILE A 5 -0.57 16.29 41.63
N PRO A 6 -1.50 15.74 42.44
CA PRO A 6 -2.93 15.71 42.07
C PRO A 6 -3.47 17.12 41.78
N ASP A 7 -2.99 18.10 42.52
CA ASP A 7 -3.40 19.49 42.34
C ASP A 7 -2.89 19.96 40.99
N TYR A 8 -1.64 19.62 40.68
CA TYR A 8 -1.08 20.00 39.40
C TYR A 8 -1.94 19.42 38.28
N LEU A 9 -2.38 18.18 38.47
CA LEU A 9 -3.23 17.50 37.48
C LEU A 9 -4.58 18.21 37.38
N ALA A 10 -5.09 18.65 38.53
CA ALA A 10 -6.37 19.35 38.56
C ALA A 10 -6.21 20.64 37.78
N SER A 11 -5.09 21.34 38.00
CA SER A 11 -4.82 22.58 37.28
C SER A 11 -4.79 22.25 35.80
N LEU A 12 -4.06 21.20 35.45
CA LEU A 12 -3.96 20.79 34.05
C LEU A 12 -5.33 20.46 33.46
N VAL A 13 -6.18 19.74 34.21
CA VAL A 13 -7.51 19.41 33.70
C VAL A 13 -8.35 20.66 33.41
N THR A 14 -8.21 21.67 34.26
CA THR A 14 -8.95 22.91 34.10
C THR A 14 -8.41 23.74 32.94
N GLU A 15 -7.09 23.92 32.88
CA GLU A 15 -6.48 24.69 31.81
C GLU A 15 -6.75 24.13 30.41
N LEU A 16 -6.31 22.89 30.17
CA LEU A 16 -6.52 22.29 28.86
C LEU A 16 -8.00 22.03 28.60
N GLY A 17 -8.81 21.96 29.65
CA GLY A 17 -10.24 21.74 29.47
C GLY A 17 -10.98 23.00 29.03
N ALA A 18 -10.25 24.11 28.91
CA ALA A 18 -10.85 25.39 28.51
C ALA A 18 -11.45 25.27 27.12
N VAL A 19 -10.93 24.32 26.35
CA VAL A 19 -11.38 24.06 24.99
C VAL A 19 -11.50 22.56 24.76
N ASN A 20 -12.08 22.19 23.62
CA ASN A 20 -12.26 20.77 23.32
C ASN A 20 -12.37 20.57 21.82
N PRO A 21 -11.26 20.78 21.10
CA PRO A 21 -11.20 20.64 19.65
C PRO A 21 -11.31 19.19 19.15
N GLY A 22 -11.38 19.04 17.83
CA GLY A 22 -11.49 17.74 17.19
C GLY A 22 -12.89 17.19 17.26
N GLU A 23 -13.01 15.88 17.32
CA GLU A 23 -14.32 15.24 17.43
C GLU A 23 -14.19 13.77 17.77
N THR A 24 -15.30 13.20 18.21
CA THR A 24 -15.36 11.81 18.61
C THR A 24 -15.29 10.88 17.41
N ALA A 25 -14.88 9.63 17.65
CA ALA A 25 -14.78 8.65 16.57
C ALA A 25 -16.17 8.57 15.94
N GLN A 26 -16.24 8.85 14.63
CA GLN A 26 -17.52 8.85 13.94
C GLN A 26 -18.00 7.51 13.38
N TYR A 27 -17.08 6.58 13.13
CA TYR A 27 -17.46 5.30 12.53
C TYR A 27 -18.60 4.52 13.19
N ILE A 28 -18.68 4.53 14.51
CA ILE A 28 -19.80 3.85 15.17
C ILE A 28 -20.54 4.85 16.03
N PRO A 29 -21.88 4.91 15.88
CA PRO A 29 -22.72 5.82 16.64
C PRO A 29 -22.48 5.75 18.15
N VAL A 30 -22.12 4.57 18.64
CA VAL A 30 -21.89 4.41 20.07
C VAL A 30 -20.75 5.31 20.50
N LEU A 31 -19.78 5.52 19.61
CA LEU A 31 -18.65 6.39 19.92
C LEU A 31 -18.89 7.81 19.42
N ALA A 32 -19.62 7.93 18.33
CA ALA A 32 -19.91 9.25 17.77
C ALA A 32 -20.87 10.02 18.65
N GLU A 33 -21.68 9.28 19.41
CA GLU A 33 -22.68 9.87 20.29
C GLU A 33 -22.23 10.05 21.74
N ALA A 34 -21.09 9.47 22.10
CA ALA A 34 -20.57 9.56 23.45
C ALA A 34 -20.33 11.00 23.89
N ASP A 35 -20.66 11.29 25.15
CA ASP A 35 -20.47 12.62 25.71
C ASP A 35 -19.03 13.05 25.53
N PRO A 36 -18.81 14.18 24.86
CA PRO A 36 -17.46 14.69 24.60
C PRO A 36 -16.94 15.58 25.72
N ASP A 37 -17.81 15.95 26.64
CA ASP A 37 -17.41 16.81 27.74
C ASP A 37 -16.94 16.02 28.93
N ARG A 38 -15.84 15.30 28.74
CA ARG A 38 -15.22 14.50 29.79
C ARG A 38 -13.71 14.58 29.60
N PHE A 39 -12.99 14.70 30.71
CA PHE A 39 -11.55 14.82 30.65
C PHE A 39 -10.98 14.38 32.00
N GLY A 40 -10.24 13.26 31.98
CA GLY A 40 -9.66 12.75 33.20
C GLY A 40 -8.22 12.33 32.95
N ILE A 41 -7.42 12.26 34.02
CA ILE A 41 -6.02 11.89 33.89
C ILE A 41 -5.50 11.26 35.18
N ALA A 42 -4.63 10.26 35.03
CA ALA A 42 -4.07 9.57 36.20
C ALA A 42 -2.59 9.21 36.02
N LEU A 43 -1.86 9.29 37.13
CA LEU A 43 -0.44 8.97 37.18
C LEU A 43 -0.26 7.88 38.23
N ALA A 44 0.36 6.79 37.85
CA ALA A 44 0.61 5.69 38.78
C ALA A 44 2.12 5.66 38.91
N THR A 45 2.62 5.78 40.14
CA THR A 45 4.06 5.79 40.36
C THR A 45 4.63 4.38 40.49
N PRO A 46 5.96 4.26 40.37
CA PRO A 46 6.65 2.97 40.49
C PRO A 46 6.49 2.32 41.85
N THR A 47 6.46 3.15 42.90
CA THR A 47 6.34 2.64 44.25
C THR A 47 4.93 2.29 44.72
N GLY A 48 3.93 2.60 43.92
CA GLY A 48 2.58 2.25 44.33
C GLY A 48 1.64 3.39 44.67
N ARG A 49 1.94 4.59 44.18
CA ARG A 49 1.07 5.74 44.45
C ARG A 49 0.21 6.05 43.22
N LEU A 50 -0.93 6.69 43.43
CA LEU A 50 -1.83 7.01 42.33
C LEU A 50 -2.45 8.40 42.48
N HIS A 51 -1.99 9.34 41.66
CA HIS A 51 -2.45 10.72 41.65
C HIS A 51 -3.37 10.91 40.45
N CYS A 52 -4.57 11.41 40.67
CA CYS A 52 -5.49 11.60 39.56
C CYS A 52 -6.28 12.90 39.61
N ALA A 53 -7.06 13.14 38.56
CA ALA A 53 -7.88 14.34 38.46
C ALA A 53 -8.92 14.20 37.36
N GLY A 54 -10.02 14.94 37.47
CA GLY A 54 -11.06 14.88 36.46
C GLY A 54 -11.70 13.50 36.37
N ASP A 55 -12.39 13.24 35.25
CA ASP A 55 -13.07 11.98 35.01
C ASP A 55 -12.07 10.82 34.88
N ALA A 56 -11.47 10.43 35.99
CA ALA A 56 -10.48 9.36 35.94
C ALA A 56 -11.09 8.01 36.31
N ASP A 57 -12.37 8.03 36.58
CA ASP A 57 -13.07 6.83 37.00
C ASP A 57 -14.13 6.43 36.02
N VAL A 58 -14.15 7.10 34.89
CA VAL A 58 -15.14 6.84 33.88
C VAL A 58 -14.65 5.78 32.91
N GLU A 59 -15.46 4.75 32.69
CA GLU A 59 -15.07 3.69 31.78
C GLU A 59 -15.24 3.99 30.29
N PHE A 60 -14.34 3.44 29.50
CA PHE A 60 -14.38 3.58 28.04
C PHE A 60 -13.64 2.37 27.47
N THR A 61 -13.91 2.04 26.21
CA THR A 61 -13.25 0.90 25.58
C THR A 61 -11.80 1.29 25.28
N ILE A 62 -10.87 0.38 25.60
CA ILE A 62 -9.45 0.63 25.43
C ILE A 62 -8.96 0.69 24.00
N GLN A 63 -9.68 0.06 23.09
CA GLN A 63 -9.32 0.04 21.68
C GLN A 63 -7.82 -0.23 21.45
N SER A 64 -7.19 0.54 20.56
CA SER A 64 -5.77 0.34 20.24
C SER A 64 -4.78 0.32 21.42
N ALA A 65 -5.14 0.93 22.54
CA ALA A 65 -4.25 0.92 23.69
C ALA A 65 -4.14 -0.50 24.27
N SER A 66 -4.85 -1.44 23.68
CA SER A 66 -4.81 -2.83 24.15
C SER A 66 -3.65 -3.58 23.49
N LYS A 67 -3.26 -3.07 22.32
CA LYS A 67 -2.19 -3.66 21.52
C LYS A 67 -0.88 -4.02 22.23
N PRO A 68 -0.39 -3.17 23.13
CA PRO A 68 0.87 -3.56 23.78
C PRO A 68 0.74 -4.68 24.81
N PHE A 69 -0.45 -4.86 25.36
CA PHE A 69 -0.67 -5.90 26.36
C PHE A 69 -0.86 -7.27 25.72
N THR A 70 -1.53 -7.31 24.57
CA THR A 70 -1.71 -8.59 23.90
C THR A 70 -0.35 -8.98 23.30
N TYR A 71 0.39 -7.97 22.82
CA TYR A 71 1.71 -8.20 22.26
C TYR A 71 2.53 -8.84 23.36
N ALA A 72 2.40 -8.27 24.55
CA ALA A 72 3.10 -8.76 25.73
C ALA A 72 2.74 -10.23 25.99
N ALA A 73 1.45 -10.53 26.09
CA ALA A 73 0.98 -11.89 26.36
C ALA A 73 1.48 -12.86 25.30
N ALA A 74 1.42 -12.46 24.03
CA ALA A 74 1.88 -13.32 22.95
C ALA A 74 3.36 -13.64 23.10
N LEU A 75 4.17 -12.65 23.48
CA LEU A 75 5.60 -12.89 23.61
C LEU A 75 5.89 -13.87 24.75
N VAL A 76 5.08 -13.81 25.79
CA VAL A 76 5.25 -14.69 26.94
C VAL A 76 4.79 -16.10 26.64
N ASP A 77 3.73 -16.21 25.84
CA ASP A 77 3.17 -17.50 25.47
C ASP A 77 3.92 -18.27 24.39
N ARG A 78 4.33 -17.56 23.34
CA ARG A 78 4.99 -18.20 22.23
C ARG A 78 6.49 -18.01 22.17
N GLY A 79 7.01 -17.00 22.88
CA GLY A 79 8.43 -16.72 22.86
C GLY A 79 8.72 -15.73 21.76
N PHE A 80 9.90 -15.11 21.76
CA PHE A 80 10.26 -14.12 20.76
C PHE A 80 10.36 -14.62 19.33
N ALA A 81 10.99 -15.77 19.14
CA ALA A 81 11.15 -16.31 17.79
C ALA A 81 9.84 -16.46 17.03
N ALA A 82 8.85 -17.08 17.67
CA ALA A 82 7.57 -17.32 17.03
C ALA A 82 6.79 -16.02 16.74
N VAL A 83 6.86 -15.05 17.64
CA VAL A 83 6.17 -13.78 17.41
C VAL A 83 6.90 -12.94 16.35
N ASP A 84 8.23 -12.90 16.40
CA ASP A 84 8.97 -12.11 15.43
C ASP A 84 8.79 -12.60 14.00
N ARG A 85 8.55 -13.89 13.81
CA ARG A 85 8.33 -14.38 12.45
C ARG A 85 7.05 -13.76 11.86
N GLN A 86 6.06 -13.48 12.72
CA GLN A 86 4.79 -12.91 12.28
C GLN A 86 4.65 -11.41 12.43
N VAL A 87 5.38 -10.82 13.37
CA VAL A 87 5.28 -9.38 13.58
C VAL A 87 6.64 -8.68 13.53
N GLY A 88 6.74 -7.64 12.72
CA GLY A 88 7.99 -6.91 12.61
C GLY A 88 8.19 -5.87 13.68
N LEU A 89 9.23 -5.06 13.52
CA LEU A 89 9.57 -4.01 14.47
C LEU A 89 9.76 -2.68 13.73
N ASN A 90 9.21 -2.59 12.52
CA ASN A 90 9.34 -1.38 11.73
C ASN A 90 8.21 -0.39 11.85
N PRO A 91 8.54 0.88 12.14
CA PRO A 91 7.49 1.89 12.25
C PRO A 91 6.81 2.16 10.91
N SER A 92 5.50 2.43 10.95
CA SER A 92 4.77 2.72 9.74
C SER A 92 3.43 3.36 10.08
N GLY A 93 2.77 3.92 9.06
CA GLY A 93 1.45 4.54 9.25
C GLY A 93 0.37 3.46 9.17
N GLU A 94 -0.82 3.72 9.68
CA GLU A 94 -1.89 2.72 9.64
C GLU A 94 -2.33 2.37 8.22
N ALA A 95 -2.07 3.26 7.27
CA ALA A 95 -2.43 2.99 5.88
C ALA A 95 -1.71 1.71 5.50
N PHE A 96 -2.43 0.73 4.96
CA PHE A 96 -1.86 -0.55 4.60
C PHE A 96 -1.30 -0.64 3.20
N ASN A 97 -0.07 -1.10 3.09
CA ASN A 97 0.61 -1.28 1.80
C ASN A 97 1.01 -2.76 1.69
N GLU A 98 0.48 -3.45 0.69
CA GLU A 98 0.78 -4.89 0.51
C GLU A 98 2.28 -5.21 0.44
N LEU A 99 3.06 -4.29 -0.13
CA LEU A 99 4.52 -4.48 -0.25
C LEU A 99 5.12 -4.85 1.08
N SER A 100 4.46 -4.39 2.14
CA SER A 100 4.97 -4.69 3.46
C SER A 100 5.00 -6.21 3.77
N LEU A 101 4.23 -7.10 3.09
CA LEU A 101 4.20 -8.59 3.28
C LEU A 101 4.96 -9.34 2.14
N GLU A 102 5.19 -8.62 1.05
CA GLU A 102 5.91 -9.16 -0.10
C GLU A 102 7.40 -9.23 0.21
N ALA A 103 7.82 -8.53 1.26
CA ALA A 103 9.22 -8.56 1.69
C ALA A 103 9.53 -10.01 2.10
N GLU A 104 10.77 -10.47 2.09
CA GLU A 104 11.06 -11.87 2.46
C GLU A 104 10.60 -12.22 3.88
N SER A 105 10.16 -11.22 4.61
CA SER A 105 9.71 -11.38 5.99
C SER A 105 8.35 -11.95 5.91
N HIS A 106 7.60 -11.27 5.05
CA HIS A 106 6.27 -11.73 4.90
C HIS A 106 5.59 -11.48 6.24
N ARG A 107 5.61 -10.23 6.71
CA ARG A 107 4.96 -9.92 7.99
C ARG A 107 4.62 -8.44 8.16
N PRO A 108 3.56 -8.14 8.93
CA PRO A 108 3.18 -6.75 9.14
C PRO A 108 4.31 -6.01 9.87
N ASP A 109 4.44 -4.70 9.59
CA ASP A 109 5.49 -3.85 10.14
C ASP A 109 5.73 -3.87 11.66
N ASN A 110 4.66 -3.82 12.44
CA ASN A 110 4.82 -3.86 13.89
C ASN A 110 3.48 -4.11 14.61
N ALA A 111 3.56 -4.32 15.91
CA ALA A 111 2.39 -4.62 16.71
C ALA A 111 1.45 -3.45 17.05
N MET A 112 1.81 -2.23 16.68
CA MET A 112 0.95 -1.11 17.01
C MET A 112 -0.11 -0.84 15.95
N ILE A 113 0.14 -1.27 14.72
CA ILE A 113 -0.85 -1.06 13.65
C ILE A 113 -1.82 -2.26 13.59
N ASN A 114 -3.02 -2.01 13.11
CA ASN A 114 -4.05 -3.05 13.05
C ASN A 114 -3.58 -4.39 12.52
N ALA A 115 -3.00 -4.40 11.31
CA ALA A 115 -2.53 -5.64 10.73
C ALA A 115 -1.59 -6.35 11.68
N GLY A 116 -0.77 -5.58 12.39
CA GLY A 116 0.16 -6.17 13.33
C GLY A 116 -0.55 -6.74 14.56
N ALA A 117 -1.63 -6.08 14.97
CA ALA A 117 -2.38 -6.51 16.14
C ALA A 117 -3.17 -7.78 15.83
N LEU A 118 -3.65 -7.89 14.59
CA LEU A 118 -4.40 -9.06 14.18
C LEU A 118 -3.50 -10.29 14.21
N ALA A 119 -2.24 -10.11 13.83
CA ALA A 119 -1.29 -11.19 13.85
C ALA A 119 -0.96 -11.56 15.29
N VAL A 120 -0.93 -10.57 16.18
CA VAL A 120 -0.63 -10.83 17.57
C VAL A 120 -1.74 -11.65 18.23
N HIS A 121 -2.97 -11.20 18.06
CA HIS A 121 -4.12 -11.89 18.63
C HIS A 121 -4.09 -13.36 18.21
N GLN A 122 -3.83 -13.62 16.93
CA GLN A 122 -3.75 -14.97 16.39
C GLN A 122 -2.76 -15.86 17.15
N LEU A 123 -1.66 -15.27 17.60
CA LEU A 123 -0.63 -16.00 18.34
C LEU A 123 -0.91 -16.10 19.83
N LEU A 124 -1.96 -15.45 20.31
CA LEU A 124 -2.26 -15.38 21.73
C LEU A 124 -2.12 -16.53 22.72
N VAL A 125 -2.50 -17.76 22.38
CA VAL A 125 -2.33 -18.80 23.41
C VAL A 125 -1.44 -19.94 22.94
N GLY A 126 -1.63 -20.33 21.69
CA GLY A 126 -0.86 -21.38 21.12
C GLY A 126 -1.52 -21.70 19.80
N PRO A 127 -0.92 -22.58 19.01
CA PRO A 127 -1.41 -23.02 17.69
C PRO A 127 -2.77 -23.70 17.79
N GLU A 128 -2.99 -24.44 18.86
CA GLU A 128 -4.24 -25.18 19.04
C GLU A 128 -5.25 -24.49 19.94
N ALA A 129 -5.09 -23.18 20.10
CA ALA A 129 -5.99 -22.42 20.96
C ALA A 129 -7.32 -22.14 20.27
N SER A 130 -8.39 -22.13 21.06
CA SER A 130 -9.71 -21.85 20.51
C SER A 130 -9.97 -20.34 20.60
N ARG A 131 -10.94 -19.89 19.82
CA ARG A 131 -11.34 -18.50 19.79
C ARG A 131 -11.55 -17.96 21.20
N LYS A 132 -12.32 -18.70 22.00
CA LYS A 132 -12.63 -18.30 23.36
C LYS A 132 -11.39 -18.16 24.26
N GLU A 133 -10.44 -19.08 24.11
CA GLU A 133 -9.23 -19.03 24.91
C GLU A 133 -8.36 -17.80 24.60
N ARG A 134 -8.27 -17.43 23.32
CA ARG A 134 -7.47 -16.27 22.94
C ARG A 134 -8.05 -14.96 23.50
N LEU A 135 -9.37 -14.82 23.44
CA LEU A 135 -10.03 -13.62 23.95
C LEU A 135 -9.80 -13.56 25.45
N ASP A 136 -10.07 -14.67 26.13
CA ASP A 136 -9.88 -14.76 27.57
C ASP A 136 -8.44 -14.41 27.93
N ARG A 137 -7.50 -14.84 27.10
CA ARG A 137 -6.08 -14.54 27.36
C ARG A 137 -5.85 -13.02 27.20
N ALA A 138 -6.49 -12.42 26.21
CA ALA A 138 -6.36 -11.00 26.00
C ALA A 138 -6.92 -10.29 27.24
N VAL A 139 -8.18 -10.57 27.56
CA VAL A 139 -8.82 -9.97 28.72
C VAL A 139 -8.03 -10.25 30.00
N GLU A 140 -7.47 -11.45 30.12
CA GLU A 140 -6.73 -11.80 31.31
C GLU A 140 -5.49 -10.92 31.49
N ILE A 141 -4.61 -10.88 30.50
CA ILE A 141 -3.39 -10.08 30.62
C ILE A 141 -3.67 -8.62 31.01
N MET A 142 -4.67 -8.00 30.37
CA MET A 142 -5.02 -6.62 30.70
C MET A 142 -5.55 -6.51 32.13
N SER A 143 -6.26 -7.55 32.57
CA SER A 143 -6.85 -7.62 33.89
C SER A 143 -5.83 -7.79 35.00
N LEU A 144 -4.79 -8.59 34.73
CA LEU A 144 -3.77 -8.84 35.72
C LEU A 144 -2.89 -7.62 35.97
N LEU A 145 -2.76 -6.74 34.99
CA LEU A 145 -1.93 -5.55 35.16
C LEU A 145 -2.79 -4.45 35.73
N ALA A 146 -4.07 -4.45 35.37
CA ALA A 146 -5.01 -3.44 35.87
C ALA A 146 -5.28 -3.75 37.34
N GLY A 147 -5.12 -5.03 37.71
CA GLY A 147 -5.34 -5.46 39.08
C GLY A 147 -6.79 -5.82 39.43
N ARG A 148 -7.67 -5.85 38.43
CA ARG A 148 -9.07 -6.18 38.66
C ARG A 148 -9.64 -6.81 37.40
N ARG A 149 -10.66 -7.64 37.54
CA ARG A 149 -11.25 -8.28 36.38
C ARG A 149 -11.97 -7.24 35.51
N LEU A 150 -11.57 -7.19 34.24
CA LEU A 150 -12.15 -6.25 33.28
C LEU A 150 -13.23 -6.91 32.45
N SER A 151 -14.07 -6.09 31.83
CA SER A 151 -15.16 -6.59 31.03
C SER A 151 -15.17 -6.02 29.62
N VAL A 152 -15.77 -6.79 28.71
CA VAL A 152 -15.90 -6.43 27.30
C VAL A 152 -17.24 -5.73 27.11
N ASP A 153 -17.23 -4.50 26.59
CA ASP A 153 -18.49 -3.80 26.35
C ASP A 153 -19.08 -4.35 25.05
N TRP A 154 -19.97 -5.33 25.16
CA TRP A 154 -20.57 -5.95 24.00
C TRP A 154 -21.42 -5.01 23.14
N GLU A 155 -21.86 -3.91 23.71
CA GLU A 155 -22.64 -2.97 22.92
C GLU A 155 -21.73 -2.35 21.87
N THR A 156 -20.51 -1.98 22.27
CA THR A 156 -19.54 -1.40 21.35
C THR A 156 -19.08 -2.48 20.36
N TYR A 157 -18.87 -3.68 20.89
CA TYR A 157 -18.43 -4.80 20.07
C TYR A 157 -19.39 -5.03 18.90
N GLU A 158 -20.68 -5.15 19.20
CA GLU A 158 -21.68 -5.36 18.15
C GLU A 158 -21.65 -4.21 17.14
N SER A 159 -21.63 -2.99 17.64
CA SER A 159 -21.60 -1.81 16.81
C SER A 159 -20.39 -1.90 15.84
N GLU A 160 -19.26 -2.37 16.35
CA GLU A 160 -18.05 -2.51 15.55
C GLU A 160 -18.09 -3.64 14.52
N MET A 161 -18.60 -4.80 14.90
CA MET A 161 -18.67 -5.93 13.98
C MET A 161 -19.52 -5.63 12.75
N ALA A 162 -20.51 -4.76 12.92
CA ALA A 162 -21.37 -4.41 11.80
C ALA A 162 -20.62 -3.62 10.72
N VAL A 163 -19.45 -3.07 11.06
CA VAL A 163 -18.66 -2.31 10.09
C VAL A 163 -17.16 -2.65 10.20
N SER A 164 -16.84 -3.94 10.15
CA SER A 164 -15.46 -4.37 10.29
C SER A 164 -14.81 -4.75 8.97
N ASP A 165 -15.33 -4.21 7.88
CA ASP A 165 -14.78 -4.52 6.58
C ASP A 165 -13.29 -4.25 6.44
N ARG A 166 -12.80 -3.14 6.98
CA ARG A 166 -11.39 -2.83 6.85
C ARG A 166 -10.53 -3.89 7.55
N ASN A 167 -10.85 -4.22 8.79
CA ASN A 167 -10.09 -5.23 9.51
C ASN A 167 -10.21 -6.60 8.84
N LEU A 168 -11.39 -6.89 8.28
CA LEU A 168 -11.58 -8.16 7.59
C LEU A 168 -10.64 -8.17 6.40
N SER A 169 -10.47 -7.01 5.79
CA SER A 169 -9.59 -6.82 4.66
C SER A 169 -8.17 -7.17 5.08
N LEU A 170 -7.75 -6.62 6.20
CA LEU A 170 -6.41 -6.88 6.69
C LEU A 170 -6.22 -8.35 6.98
N ALA A 171 -7.12 -8.92 7.78
CA ALA A 171 -7.05 -10.34 8.14
C ALA A 171 -7.00 -11.26 6.91
N HIS A 172 -7.83 -10.97 5.92
CA HIS A 172 -7.82 -11.79 4.71
C HIS A 172 -6.48 -11.70 4.00
N MET A 173 -5.94 -10.50 3.84
CA MET A 173 -4.64 -10.32 3.19
C MET A 173 -3.59 -11.10 3.97
N LEU A 174 -3.62 -10.96 5.28
CA LEU A 174 -2.68 -11.66 6.14
C LEU A 174 -2.78 -13.19 6.01
N ARG A 175 -3.99 -13.71 5.82
CA ARG A 175 -4.16 -15.17 5.67
C ARG A 175 -3.51 -15.52 4.35
N SER A 176 -3.72 -14.66 3.37
CA SER A 176 -3.14 -14.83 2.04
C SER A 176 -1.65 -15.10 2.10
N TYR A 177 -0.93 -14.35 2.93
CA TYR A 177 0.51 -14.52 3.04
C TYR A 177 0.90 -15.50 4.15
N GLY A 178 -0.09 -16.18 4.70
CA GLY A 178 0.18 -17.16 5.74
C GLY A 178 0.49 -16.63 7.13
N VAL A 179 0.24 -15.34 7.39
CA VAL A 179 0.50 -14.75 8.70
C VAL A 179 -0.61 -15.20 9.66
N LEU A 180 -1.81 -15.38 9.14
CA LEU A 180 -2.95 -15.89 9.93
C LEU A 180 -3.25 -17.29 9.43
N GLN A 181 -3.61 -18.19 10.35
CA GLN A 181 -3.93 -19.57 9.99
C GLN A 181 -5.44 -19.76 10.06
N ASP A 182 -6.05 -19.22 11.10
CA ASP A 182 -7.50 -19.31 11.31
C ASP A 182 -8.25 -18.35 10.38
N SER A 183 -9.58 -18.37 10.43
CA SER A 183 -10.40 -17.51 9.55
C SER A 183 -10.33 -16.01 9.85
N ALA A 184 -10.42 -15.21 8.80
CA ALA A 184 -10.39 -13.75 8.90
C ALA A 184 -11.45 -13.27 9.87
N GLU A 185 -12.62 -13.87 9.79
CA GLU A 185 -13.74 -13.50 10.64
C GLU A 185 -13.44 -13.79 12.10
N GLU A 186 -12.91 -14.98 12.38
CA GLU A 186 -12.61 -15.36 13.76
C GLU A 186 -11.60 -14.43 14.42
N ILE A 187 -10.51 -14.14 13.73
CA ILE A 187 -9.48 -13.27 14.29
C ILE A 187 -9.97 -11.83 14.46
N VAL A 188 -10.77 -11.33 13.52
CA VAL A 188 -11.27 -9.96 13.65
C VAL A 188 -12.24 -9.83 14.83
N ALA A 189 -13.05 -10.86 15.05
CA ALA A 189 -14.02 -10.85 16.15
C ALA A 189 -13.23 -10.82 17.45
N GLY A 190 -12.18 -11.63 17.53
CA GLY A 190 -11.34 -11.65 18.71
C GLY A 190 -10.64 -10.31 18.96
N TYR A 191 -10.13 -9.70 17.90
CA TYR A 191 -9.43 -8.44 18.06
C TYR A 191 -10.41 -7.32 18.42
N VAL A 192 -11.63 -7.40 17.90
CA VAL A 192 -12.64 -6.38 18.20
C VAL A 192 -13.18 -6.50 19.63
N ALA A 193 -13.28 -7.72 20.15
CA ALA A 193 -13.74 -7.91 21.52
C ALA A 193 -12.64 -7.32 22.38
N GLN A 194 -11.41 -7.65 22.02
CA GLN A 194 -10.21 -7.16 22.68
C GLN A 194 -10.23 -5.63 22.84
N CYS A 195 -10.55 -4.92 21.76
CA CYS A 195 -10.59 -3.47 21.80
C CYS A 195 -11.76 -2.90 22.59
N ALA A 196 -12.74 -3.75 22.88
CA ALA A 196 -13.93 -3.35 23.62
C ALA A 196 -13.82 -3.52 25.14
N VAL A 197 -12.65 -3.92 25.60
CA VAL A 197 -12.44 -4.08 27.03
C VAL A 197 -12.58 -2.71 27.68
N LEU A 198 -13.32 -2.64 28.78
CA LEU A 198 -13.55 -1.38 29.50
C LEU A 198 -12.54 -1.08 30.59
N VAL A 199 -11.96 0.11 30.51
CA VAL A 199 -10.95 0.55 31.47
C VAL A 199 -11.16 2.02 31.78
N THR A 200 -10.54 2.48 32.85
CA THR A 200 -10.63 3.87 33.24
C THR A 200 -9.24 4.47 33.14
N VAL A 201 -9.17 5.79 33.21
CA VAL A 201 -7.88 6.46 33.14
C VAL A 201 -6.94 5.84 34.16
N LYS A 202 -7.49 5.51 35.34
CA LYS A 202 -6.69 4.93 36.40
C LYS A 202 -6.18 3.54 36.05
N ASP A 203 -7.04 2.73 35.44
CA ASP A 203 -6.64 1.38 35.02
C ASP A 203 -5.43 1.47 34.10
N LEU A 204 -5.50 2.35 33.10
CA LEU A 204 -4.40 2.53 32.16
C LEU A 204 -3.13 2.99 32.84
N ALA A 205 -3.24 3.94 33.76
CA ALA A 205 -2.08 4.45 34.46
C ALA A 205 -1.36 3.30 35.19
N VAL A 206 -2.14 2.43 35.83
CA VAL A 206 -1.59 1.31 36.56
C VAL A 206 -1.00 0.26 35.61
N MET A 207 -1.71 0.01 34.52
CA MET A 207 -1.24 -0.96 33.55
C MET A 207 0.09 -0.46 32.95
N GLY A 208 0.17 0.84 32.69
CA GLY A 208 1.38 1.41 32.12
C GLY A 208 2.54 1.37 33.09
N ALA A 209 2.26 1.44 34.38
CA ALA A 209 3.31 1.40 35.39
C ALA A 209 3.98 0.02 35.41
N CYS A 210 3.21 -1.03 35.15
CA CYS A 210 3.75 -2.40 35.14
C CYS A 210 4.83 -2.49 34.08
N LEU A 211 4.59 -1.87 32.93
CA LEU A 211 5.57 -1.86 31.85
C LEU A 211 6.71 -0.92 32.28
N ALA A 212 6.37 0.23 32.82
CA ALA A 212 7.36 1.20 33.25
C ALA A 212 8.38 0.65 34.24
N THR A 213 7.94 -0.26 35.11
CA THR A 213 8.83 -0.83 36.10
C THR A 213 9.63 -2.02 35.60
N GLY A 214 9.33 -2.46 34.39
CA GLY A 214 10.03 -3.59 33.84
C GLY A 214 9.25 -4.89 34.06
N GLY A 215 7.96 -4.77 34.36
CA GLY A 215 7.14 -5.94 34.56
C GLY A 215 6.62 -6.14 35.97
N ILE A 216 6.98 -5.26 36.89
CA ILE A 216 6.54 -5.40 38.26
C ILE A 216 5.31 -4.56 38.53
N HIS A 217 4.31 -5.16 39.17
CA HIS A 217 3.10 -4.42 39.49
C HIS A 217 3.44 -3.53 40.67
N PRO A 218 3.26 -2.21 40.50
CA PRO A 218 3.54 -1.22 41.53
C PRO A 218 2.72 -1.29 42.81
N MET A 219 1.54 -1.90 42.73
CA MET A 219 0.68 -2.00 43.89
C MET A 219 0.92 -3.27 44.73
N THR A 220 1.70 -4.21 44.21
CA THR A 220 1.95 -5.44 44.94
C THR A 220 3.42 -5.82 45.01
N GLY A 221 4.16 -5.51 43.95
CA GLY A 221 5.56 -5.85 43.91
C GLY A 221 5.73 -7.24 43.33
N GLU A 222 4.65 -7.76 42.76
CA GLU A 222 4.69 -9.08 42.16
C GLU A 222 5.07 -8.91 40.69
N ARG A 223 5.90 -9.81 40.17
CA ARG A 223 6.29 -9.71 38.78
C ARG A 223 5.18 -10.25 37.88
N MET A 224 4.63 -9.36 37.06
CA MET A 224 3.56 -9.71 36.14
C MET A 224 4.09 -10.08 34.76
N LEU A 225 5.30 -9.65 34.44
CA LEU A 225 5.89 -9.92 33.13
C LEU A 225 7.40 -9.96 33.23
N PRO A 226 8.06 -10.63 32.29
CA PRO A 226 9.52 -10.71 32.30
C PRO A 226 10.04 -9.31 31.94
N SER A 227 11.17 -8.88 32.48
CA SER A 227 11.68 -7.55 32.14
C SER A 227 11.99 -7.40 30.66
N ILE A 228 12.41 -8.50 30.04
CA ILE A 228 12.74 -8.49 28.61
C ILE A 228 11.50 -8.24 27.74
N VAL A 229 10.38 -8.83 28.12
CA VAL A 229 9.13 -8.66 27.39
C VAL A 229 8.63 -7.21 27.55
N ALA A 230 8.59 -6.72 28.77
CA ALA A 230 8.13 -5.37 29.02
C ALA A 230 9.00 -4.41 28.20
N ARG A 231 10.30 -4.70 28.14
CA ARG A 231 11.22 -3.86 27.41
C ARG A 231 10.84 -3.77 25.94
N ARG A 232 10.62 -4.93 25.33
CA ARG A 232 10.27 -4.97 23.93
C ARG A 232 9.01 -4.15 23.69
N VAL A 233 7.97 -4.42 24.47
CA VAL A 233 6.70 -3.71 24.34
C VAL A 233 6.87 -2.18 24.40
N VAL A 234 7.62 -1.69 25.39
CA VAL A 234 7.81 -0.26 25.50
C VAL A 234 8.66 0.26 24.34
N SER A 235 9.55 -0.59 23.81
CA SER A 235 10.39 -0.21 22.68
C SER A 235 9.52 0.13 21.48
N VAL A 236 8.60 -0.78 21.17
CA VAL A 236 7.70 -0.62 20.03
C VAL A 236 6.67 0.47 20.23
N MET A 237 6.30 0.75 21.47
CA MET A 237 5.35 1.82 21.74
C MET A 237 6.03 3.12 21.32
N THR A 238 7.28 3.28 21.74
CA THR A 238 8.06 4.46 21.43
C THR A 238 8.32 4.64 19.93
N SER A 239 8.73 3.58 19.25
CA SER A 239 9.04 3.72 17.84
C SER A 239 7.85 3.64 16.90
N SER A 240 6.77 3.03 17.36
CA SER A 240 5.59 2.87 16.49
C SER A 240 4.28 3.38 17.04
N GLY A 241 4.20 3.62 18.33
CA GLY A 241 2.96 4.10 18.92
C GLY A 241 2.30 5.27 18.21
N MET A 242 3.08 6.22 17.71
CA MET A 242 2.51 7.38 17.04
C MET A 242 2.74 7.35 15.53
N TYR A 243 2.89 6.13 15.02
CA TYR A 243 3.09 5.85 13.60
C TYR A 243 4.15 6.70 12.92
N ASP A 244 3.79 7.41 11.86
CA ASP A 244 4.76 8.25 11.15
C ASP A 244 5.17 9.52 11.90
N ALA A 245 4.47 9.85 12.98
CA ALA A 245 4.82 11.04 13.76
C ALA A 245 5.63 10.66 14.99
N ALA A 246 6.00 9.38 15.08
CA ALA A 246 6.78 8.84 16.20
C ALA A 246 8.08 9.59 16.51
N GLY A 247 8.79 10.02 15.46
CA GLY A 247 10.03 10.76 15.66
C GLY A 247 9.75 12.10 16.32
N GLN A 248 8.87 12.89 15.72
CA GLN A 248 8.50 14.19 16.27
C GLN A 248 8.02 14.03 17.71
N TRP A 249 7.19 13.02 17.93
CA TRP A 249 6.65 12.76 19.26
C TRP A 249 7.77 12.36 20.22
N LEU A 250 8.75 11.59 19.75
CA LEU A 250 9.83 11.19 20.62
C LEU A 250 10.57 12.44 21.10
N ALA A 251 10.82 13.37 20.19
CA ALA A 251 11.51 14.61 20.51
C ALA A 251 10.73 15.65 21.33
N ASP A 252 9.49 16.04 21.00
CA ASP A 252 8.71 17.05 21.78
C ASP A 252 8.09 16.53 23.11
N VAL A 253 7.82 15.20 23.21
CA VAL A 253 7.23 14.51 24.43
C VAL A 253 8.13 13.44 25.12
N GLY A 254 8.65 12.46 24.38
CA GLY A 254 9.52 11.47 25.01
C GLY A 254 8.86 10.47 25.93
N ILE A 255 7.54 10.33 25.81
CA ILE A 255 6.79 9.39 26.64
C ILE A 255 6.22 8.27 25.77
N PRO A 256 6.67 7.02 25.98
CA PRO A 256 6.14 5.91 25.17
C PRO A 256 4.64 5.88 25.39
N ALA A 257 3.88 6.01 24.32
CA ALA A 257 2.44 6.07 24.45
C ALA A 257 1.71 5.46 23.27
N LYS A 258 0.42 5.24 23.46
CA LYS A 258 -0.45 4.71 22.43
C LYS A 258 -1.84 5.15 22.79
N SER A 259 -2.58 5.68 21.82
CA SER A 259 -3.92 6.11 22.13
C SER A 259 -4.99 5.24 21.43
N GLY A 260 -6.22 5.34 21.93
CA GLY A 260 -7.33 4.61 21.36
C GLY A 260 -8.40 5.59 20.92
N VAL A 261 -9.15 5.23 19.89
CA VAL A 261 -10.20 6.08 19.32
C VAL A 261 -11.35 6.44 20.25
N ALA A 262 -11.36 5.89 21.46
CA ALA A 262 -12.44 6.20 22.39
C ALA A 262 -12.08 7.38 23.29
N GLY A 263 -10.86 7.90 23.09
CA GLY A 263 -10.40 9.03 23.89
C GLY A 263 -9.31 8.65 24.88
N GLY A 264 -9.01 7.36 24.99
CA GLY A 264 -7.98 6.93 25.92
C GLY A 264 -6.54 6.97 25.42
N VAL A 265 -5.62 7.38 26.28
CA VAL A 265 -4.20 7.42 25.94
C VAL A 265 -3.40 6.76 27.06
N LEU A 266 -2.56 5.79 26.69
CA LEU A 266 -1.73 5.03 27.65
C LEU A 266 -0.28 5.49 27.53
N GLY A 267 0.37 5.68 28.68
CA GLY A 267 1.77 6.08 28.69
C GLY A 267 2.54 5.18 29.63
N ALA A 268 3.85 5.07 29.42
CA ALA A 268 4.72 4.23 30.24
C ALA A 268 6.17 4.68 30.10
N LEU A 269 6.67 5.37 31.13
CA LEU A 269 8.03 5.89 31.15
C LEU A 269 8.93 5.05 32.05
N PRO A 270 9.79 4.23 31.45
CA PRO A 270 10.70 3.36 32.20
C PRO A 270 11.24 4.00 33.46
N GLY A 271 11.09 3.26 34.56
CA GLY A 271 11.56 3.70 35.87
C GLY A 271 10.89 4.93 36.46
N ARG A 272 9.87 5.49 35.82
CA ARG A 272 9.26 6.68 36.37
C ARG A 272 7.75 6.77 36.56
N VAL A 273 6.96 6.35 35.58
CA VAL A 273 5.51 6.47 35.75
C VAL A 273 4.63 5.82 34.69
N GLY A 274 3.43 5.45 35.11
CA GLY A 274 2.41 4.90 34.22
C GLY A 274 1.39 6.01 34.04
N ILE A 275 0.87 6.21 32.83
CA ILE A 275 -0.08 7.29 32.59
C ILE A 275 -1.36 6.90 31.88
N GLY A 276 -2.47 7.43 32.38
CA GLY A 276 -3.75 7.18 31.75
C GLY A 276 -4.36 8.54 31.49
N VAL A 277 -4.83 8.78 30.28
CA VAL A 277 -5.46 10.06 29.96
C VAL A 277 -6.72 9.73 29.20
N PHE A 278 -7.76 10.52 29.42
CA PHE A 278 -9.04 10.29 28.75
C PHE A 278 -9.71 11.59 28.33
N SER A 279 -10.07 11.66 27.05
CA SER A 279 -10.75 12.80 26.45
C SER A 279 -11.25 12.34 25.08
N PRO A 280 -12.56 12.04 24.99
CA PRO A 280 -13.29 11.57 23.81
C PRO A 280 -12.91 12.10 22.44
N ARG A 281 -12.76 13.40 22.28
CA ARG A 281 -12.44 13.92 20.97
C ARG A 281 -11.03 13.66 20.48
N LEU A 282 -10.95 13.36 19.19
CA LEU A 282 -9.70 13.06 18.51
C LEU A 282 -9.29 14.14 17.54
N ASP A 283 -8.00 14.30 17.32
CA ASP A 283 -7.50 15.28 16.39
C ASP A 283 -7.53 14.74 14.95
N GLU A 284 -6.95 15.50 14.03
CA GLU A 284 -6.92 15.12 12.63
C GLU A 284 -6.24 13.78 12.33
N VAL A 285 -5.35 13.32 13.19
CA VAL A 285 -4.68 12.05 12.92
C VAL A 285 -5.29 10.86 13.67
N GLY A 286 -6.37 11.11 14.42
CA GLY A 286 -7.02 10.02 15.12
C GLY A 286 -6.70 9.82 16.59
N ASN A 287 -5.84 10.65 17.18
CA ASN A 287 -5.50 10.52 18.60
C ASN A 287 -6.34 11.43 19.45
N SER A 288 -6.42 11.12 20.74
CA SER A 288 -7.18 11.95 21.66
C SER A 288 -6.50 13.31 21.75
N ALA A 289 -7.15 14.33 21.20
CA ALA A 289 -6.62 15.70 21.21
C ALA A 289 -6.05 16.18 22.54
N ARG A 290 -6.85 16.19 23.60
CA ARG A 290 -6.36 16.65 24.92
C ARG A 290 -5.45 15.63 25.57
N GLY A 291 -5.73 14.35 25.34
CA GLY A 291 -4.92 13.30 25.94
C GLY A 291 -3.49 13.47 25.48
N VAL A 292 -3.32 13.68 24.19
CA VAL A 292 -2.03 13.88 23.59
C VAL A 292 -1.39 15.17 24.14
N LEU A 293 -2.15 16.26 24.18
CA LEU A 293 -1.62 17.52 24.71
C LEU A 293 -1.29 17.41 26.20
N ALA A 294 -2.03 16.59 26.92
CA ALA A 294 -1.78 16.41 28.35
C ALA A 294 -0.40 15.78 28.55
N CYS A 295 -0.06 14.83 27.68
CA CYS A 295 1.23 14.15 27.72
C CYS A 295 2.38 15.11 27.41
N ARG A 296 2.15 16.02 26.46
CA ARG A 296 3.18 16.98 26.10
C ARG A 296 3.40 17.92 27.30
N ARG A 297 2.32 18.27 27.99
CA ARG A 297 2.41 19.14 29.16
C ARG A 297 3.17 18.48 30.31
N LEU A 298 2.85 17.22 30.61
CA LEU A 298 3.54 16.50 31.69
C LEU A 298 5.02 16.42 31.41
N SER A 299 5.37 16.22 30.14
CA SER A 299 6.77 16.12 29.78
C SER A 299 7.51 17.45 29.96
N GLU A 300 6.94 18.52 29.43
CA GLU A 300 7.58 19.83 29.54
C GLU A 300 7.62 20.37 30.97
N ASP A 301 6.56 20.17 31.73
CA ASP A 301 6.48 20.68 33.09
C ASP A 301 7.28 19.92 34.12
N PHE A 302 7.39 18.61 33.96
CA PHE A 302 8.15 17.79 34.91
C PHE A 302 9.43 17.24 34.31
N ARG A 303 9.71 17.54 33.05
CA ARG A 303 10.89 17.01 32.37
C ARG A 303 10.83 15.48 32.41
N LEU A 304 9.62 14.95 32.26
CA LEU A 304 9.40 13.51 32.25
C LEU A 304 9.63 13.13 30.79
N HIS A 305 10.89 12.90 30.42
CA HIS A 305 11.25 12.60 29.03
C HIS A 305 12.22 11.44 29.00
N LEU A 306 11.93 10.45 28.15
CA LEU A 306 12.79 9.28 28.00
C LEU A 306 14.28 9.63 27.92
N MET A 307 14.60 10.74 27.26
CA MET A 307 16.00 11.15 27.11
C MET A 307 16.55 11.98 28.25
N ASP A 308 15.76 12.19 29.29
CA ASP A 308 16.24 12.95 30.45
C ASP A 308 16.67 11.93 31.47
N GLY A 309 17.96 11.68 31.49
CA GLY A 309 18.50 10.68 32.39
C GLY A 309 18.20 10.85 33.87
N ASP A 310 17.94 9.71 34.48
CA ASP A 310 17.63 9.70 35.88
C ASP A 310 18.08 8.36 36.45
N SER A 311 19.36 8.27 36.78
CA SER A 311 19.93 7.04 37.33
C SER A 311 20.43 7.15 38.75
N LEU A 312 20.61 5.99 39.37
CA LEU A 312 21.12 5.90 40.74
C LEU A 312 22.60 6.32 40.73
N GLY A 313 23.35 5.75 39.79
CA GLY A 313 24.76 6.06 39.66
C GLY A 313 25.57 5.78 40.91
N GLY A 314 26.40 6.74 41.29
CA GLY A 314 27.23 6.59 42.46
C GLY A 314 26.44 6.51 43.76
N THR A 315 25.19 6.91 43.72
CA THR A 315 24.38 6.86 44.93
C THR A 315 24.10 5.42 45.36
N ALA A 316 24.60 4.46 44.58
CA ALA A 316 24.43 3.04 44.93
C ALA A 316 25.28 2.82 46.19
N VAL A 317 26.27 3.69 46.34
CA VAL A 317 27.21 3.68 47.45
C VAL A 317 26.71 4.65 48.53
N ARG A 318 26.10 4.13 49.59
CA ARG A 318 25.57 4.97 50.66
C ARG A 318 26.69 5.72 51.39
N PHE A 319 27.79 5.02 51.65
CA PHE A 319 28.94 5.64 52.32
C PHE A 319 30.13 4.68 52.44
N VAL A 320 31.29 5.23 52.79
CA VAL A 320 32.51 4.44 52.96
C VAL A 320 33.19 4.84 54.26
N GLU A 321 33.22 3.91 55.20
CA GLU A 321 33.82 4.15 56.50
C GLU A 321 35.12 3.42 56.65
N ARG A 322 36.12 4.21 56.95
CA ARG A 322 37.43 3.64 57.15
C ARG A 322 37.56 3.71 58.65
N GLU A 323 36.86 2.81 59.34
CA GLU A 323 36.89 2.79 60.80
C GLU A 323 38.32 2.63 61.34
N GLY A 324 39.12 1.81 60.67
CA GLY A 324 40.50 1.62 61.12
C GLY A 324 41.33 0.74 60.20
N ASP A 325 41.26 -0.57 60.43
CA ASP A 325 41.99 -1.52 59.60
C ASP A 325 40.93 -1.99 58.64
N ARG A 326 39.72 -1.95 59.14
CA ARG A 326 38.63 -2.37 58.32
C ARG A 326 37.88 -1.20 57.69
N VAL A 327 37.36 -1.46 56.51
CA VAL A 327 36.60 -0.47 55.76
C VAL A 327 35.16 -0.97 55.63
N PHE A 328 34.20 -0.08 55.84
CA PHE A 328 32.79 -0.44 55.73
C PHE A 328 32.17 0.20 54.49
N LEU A 329 31.62 -0.63 53.61
CA LEU A 329 31.02 -0.13 52.37
C LEU A 329 29.54 -0.50 52.32
N HIS A 330 28.68 0.49 52.52
CA HIS A 330 27.24 0.23 52.47
C HIS A 330 26.65 0.64 51.13
N LEU A 331 25.79 -0.22 50.59
CA LEU A 331 25.15 0.01 49.30
C LEU A 331 23.66 0.25 49.49
N GLN A 332 22.99 0.76 48.45
CA GLN A 332 21.56 1.04 48.54
C GLN A 332 20.91 1.24 47.18
N GLY A 333 19.57 1.25 47.16
CA GLY A 333 18.83 1.44 45.94
C GLY A 333 18.65 0.19 45.09
N VAL A 334 18.24 0.38 43.84
CA VAL A 334 18.05 -0.71 42.90
C VAL A 334 19.32 -0.81 42.06
N ILE A 335 20.22 -1.71 42.48
CA ILE A 335 21.51 -1.91 41.82
C ILE A 335 21.46 -2.67 40.50
N ARG A 336 21.82 -1.98 39.42
CA ARG A 336 21.88 -2.57 38.09
C ARG A 336 23.25 -2.17 37.56
N PHE A 337 23.44 -2.18 36.24
CA PHE A 337 24.74 -1.80 35.70
C PHE A 337 25.25 -0.48 36.27
N GLY A 338 24.42 0.56 36.20
CA GLY A 338 24.82 1.86 36.71
C GLY A 338 25.39 1.83 38.11
N GLY A 339 24.64 1.27 39.05
CA GLY A 339 25.09 1.19 40.43
C GLY A 339 26.25 0.22 40.60
N ALA A 340 26.16 -0.94 39.97
CA ALA A 340 27.20 -1.95 40.05
C ALA A 340 28.53 -1.36 39.59
N GLU A 341 28.50 -0.63 38.48
CA GLU A 341 29.69 0.01 37.92
C GLU A 341 30.33 0.94 38.94
N ALA A 342 29.49 1.76 39.60
CA ALA A 342 29.98 2.70 40.60
C ALA A 342 30.60 1.95 41.78
N VAL A 343 29.98 0.84 42.14
CA VAL A 343 30.48 0.00 43.22
C VAL A 343 31.89 -0.46 42.87
N LEU A 344 32.03 -1.05 41.69
CA LEU A 344 33.32 -1.53 41.22
C LEU A 344 34.38 -0.44 41.23
N ASP A 345 33.95 0.80 41.07
CA ASP A 345 34.84 1.94 41.08
C ASP A 345 35.30 2.21 42.51
N ALA A 346 34.36 2.13 43.45
CA ALA A 346 34.69 2.36 44.85
C ALA A 346 35.74 1.34 45.31
N LEU A 347 35.49 0.06 45.01
CA LEU A 347 36.39 -1.01 45.37
C LEU A 347 37.79 -0.80 44.81
N THR A 348 37.85 -0.42 43.54
CA THR A 348 39.14 -0.17 42.87
C THR A 348 39.80 1.09 43.42
N ASP A 349 39.01 1.98 44.02
CA ASP A 349 39.53 3.21 44.58
C ASP A 349 40.20 2.98 45.94
N LEU A 350 40.34 1.72 46.33
CA LEU A 350 41.00 1.35 47.59
C LEU A 350 42.36 0.77 47.16
N ARG A 351 43.41 1.02 47.90
CA ARG A 351 44.69 0.46 47.52
C ARG A 351 44.78 -0.95 48.09
N THR A 352 44.36 -1.94 47.32
CA THR A 352 44.43 -3.31 47.79
C THR A 352 45.37 -4.08 46.88
N GLY A 353 46.31 -3.36 46.29
CA GLY A 353 47.29 -3.94 45.40
C GLY A 353 48.26 -2.85 45.02
N ALA A 354 49.33 -3.19 44.31
CA ALA A 354 50.28 -2.17 43.90
C ALA A 354 49.48 -1.20 43.05
N GLU A 355 49.16 -0.03 43.63
CA GLU A 355 48.37 0.97 42.92
C GLU A 355 49.07 1.56 41.70
N LYS A 356 48.97 0.85 40.58
CA LYS A 356 49.54 1.31 39.32
C LYS A 356 48.39 1.44 38.33
N PRO A 357 47.33 2.17 38.72
CA PRO A 357 46.13 2.38 37.90
C PRO A 357 46.38 3.02 36.54
N GLY A 358 45.50 2.72 35.60
CA GLY A 358 45.60 3.29 34.27
C GLY A 358 44.62 4.45 34.20
N THR A 359 45.12 5.65 34.50
CA THR A 359 44.32 6.87 34.49
C THR A 359 43.33 6.94 33.33
N GLY A 360 43.58 6.15 32.29
CA GLY A 360 42.71 6.17 31.12
C GLY A 360 43.14 7.30 30.23
N TRP A 361 43.46 8.44 30.85
CA TRP A 361 43.89 9.62 30.12
C TRP A 361 45.22 10.18 30.62
N ASP A 362 45.89 10.91 29.74
CA ASP A 362 47.18 11.51 30.05
C ASP A 362 46.98 12.86 30.73
N ALA A 363 47.42 12.94 31.98
CA ALA A 363 47.32 14.17 32.77
C ALA A 363 47.96 15.35 32.03
N ALA A 364 49.05 15.07 31.32
CA ALA A 364 49.74 16.12 30.58
C ALA A 364 48.86 16.70 29.48
N VAL A 365 48.13 15.84 28.79
CA VAL A 365 47.25 16.26 27.71
C VAL A 365 45.96 16.91 28.22
N TYR A 366 45.47 16.47 29.37
CA TYR A 366 44.25 17.04 29.93
C TYR A 366 44.46 17.70 31.29
N PRO A 367 45.10 18.87 31.32
CA PRO A 367 45.32 19.54 32.60
C PRO A 367 44.03 19.80 33.38
N ARG A 368 42.97 20.16 32.68
CA ARG A 368 41.69 20.45 33.31
C ARG A 368 41.11 19.22 33.99
N TRP A 369 41.26 18.06 33.36
CA TRP A 369 40.74 16.83 33.93
C TRP A 369 41.44 16.54 35.27
N GLN A 370 42.72 16.87 35.35
CA GLN A 370 43.51 16.66 36.57
C GLN A 370 43.01 17.61 37.66
N GLU A 371 42.88 18.89 37.31
CA GLU A 371 42.42 19.89 38.27
C GLU A 371 41.10 19.43 38.85
N ALA A 372 40.14 19.13 37.99
CA ALA A 372 38.82 18.68 38.44
C ALA A 372 38.89 17.40 39.26
N ALA A 373 39.82 16.53 38.91
CA ALA A 373 39.98 15.26 39.62
C ALA A 373 40.48 15.52 41.04
N ALA A 374 41.29 16.57 41.19
CA ALA A 374 41.85 16.94 42.49
C ALA A 374 40.74 17.10 43.54
N ASP A 375 39.73 17.91 43.24
CA ASP A 375 38.64 18.13 44.17
C ASP A 375 37.59 17.02 44.01
N ARG A 376 38.03 15.80 44.31
CA ARG A 376 37.22 14.59 44.23
C ARG A 376 35.74 14.73 44.60
N ALA A 377 35.46 15.44 45.69
CA ALA A 377 34.08 15.62 46.13
C ALA A 377 33.27 16.57 45.25
N ALA A 378 33.89 17.66 44.80
CA ALA A 378 33.19 18.62 43.95
C ALA A 378 32.81 17.97 42.62
N LEU A 379 33.79 17.33 42.00
CA LEU A 379 33.61 16.66 40.73
C LEU A 379 32.47 15.65 40.82
N SER A 380 32.38 14.95 41.95
CA SER A 380 31.32 13.97 42.15
C SER A 380 29.92 14.59 42.20
N ALA A 381 29.79 15.71 42.91
CA ALA A 381 28.49 16.38 43.03
C ALA A 381 28.04 17.03 41.71
N ALA A 382 29.00 17.45 40.89
CA ALA A 382 28.68 18.06 39.59
C ALA A 382 28.14 17.01 38.61
N THR A 383 28.66 15.79 38.62
CA THR A 383 28.19 14.73 37.71
C THR A 383 27.05 13.96 38.38
N GLY A 384 27.26 13.69 39.67
CA GLY A 384 26.40 12.94 40.57
C GLY A 384 27.01 11.58 40.99
N GLY A 385 28.16 11.58 41.68
CA GLY A 385 28.77 10.31 42.08
C GLY A 385 28.52 9.81 43.50
N GLY A 386 27.36 10.14 44.09
CA GLY A 386 27.03 9.74 45.46
C GLY A 386 28.22 9.72 46.40
N ALA A 387 28.45 8.58 47.04
CA ALA A 387 29.56 8.42 47.97
C ALA A 387 30.75 7.59 47.45
N VAL A 388 30.81 7.32 46.15
CA VAL A 388 31.93 6.55 45.61
C VAL A 388 33.26 7.21 45.97
N HIS A 389 33.29 8.53 45.98
CA HIS A 389 34.52 9.26 46.29
C HIS A 389 35.06 9.01 47.69
N GLU A 390 34.22 8.57 48.60
CA GLU A 390 34.65 8.29 49.97
C GLU A 390 35.62 7.11 50.04
N ALA A 391 35.70 6.35 48.96
CA ALA A 391 36.59 5.21 48.91
C ALA A 391 38.03 5.67 48.76
N ALA A 392 38.27 6.58 47.83
CA ALA A 392 39.62 7.11 47.58
C ALA A 392 40.10 7.82 48.83
N ALA A 393 39.15 8.35 49.61
CA ALA A 393 39.47 9.06 50.84
C ALA A 393 39.87 8.08 51.92
N ALA A 394 39.18 6.94 51.97
CA ALA A 394 39.50 5.92 52.95
C ALA A 394 40.89 5.41 52.63
N ALA A 395 41.17 5.25 51.34
CA ALA A 395 42.47 4.78 50.89
C ALA A 395 43.44 5.94 50.80
N ALA A 396 43.04 7.08 51.36
CA ALA A 396 43.85 8.28 51.33
C ALA A 396 44.75 8.41 52.56
N ARG A 397 44.71 9.58 53.19
CA ARG A 397 45.51 9.88 54.37
C ARG A 397 45.52 8.78 55.42
N ASP A 398 44.45 7.99 55.47
CA ASP A 398 44.35 6.91 56.43
C ASP A 398 45.32 5.75 56.13
N GLU A 399 45.79 5.66 54.89
CA GLU A 399 46.69 4.58 54.46
C GLU A 399 48.08 4.94 54.84
N ASN A 400 48.20 6.23 55.00
CA ASN A 400 49.46 6.68 55.37
C ASN A 400 49.91 5.92 56.65
N ASP A 401 48.99 5.39 57.50
CA ASP A 401 49.25 4.59 58.75
C ASP A 401 48.35 3.32 58.83
N GLY A 402 48.79 2.23 58.21
CA GLY A 402 48.02 1.00 58.23
C GLY A 402 47.35 0.62 56.91
N PRO A 403 47.41 -0.67 56.52
CA PRO A 403 46.81 -1.16 55.28
C PRO A 403 45.34 -1.52 55.49
N ILE A 404 44.74 -2.18 54.50
CA ILE A 404 43.34 -2.58 54.57
C ILE A 404 43.26 -4.09 54.52
N ARG A 405 42.91 -4.71 55.66
CA ARG A 405 42.82 -6.16 55.75
C ARG A 405 41.41 -6.69 55.60
N THR A 406 40.41 -5.90 55.96
CA THR A 406 39.04 -6.34 55.86
C THR A 406 38.10 -5.31 55.23
N VAL A 407 37.16 -5.80 54.42
CA VAL A 407 36.17 -4.96 53.76
C VAL A 407 34.81 -5.59 54.01
N VAL A 408 33.90 -4.81 54.62
CA VAL A 408 32.56 -5.30 54.92
C VAL A 408 31.53 -4.72 53.95
N LEU A 409 30.84 -5.61 53.23
CA LEU A 409 29.82 -5.20 52.28
C LEU A 409 28.43 -5.34 52.90
N ASN A 410 27.81 -4.21 53.22
CA ASN A 410 26.48 -4.22 53.79
C ASN A 410 25.43 -3.91 52.73
N LEU A 411 24.48 -4.83 52.55
CA LEU A 411 23.43 -4.69 51.55
C LEU A 411 22.06 -4.44 52.15
N ALA A 412 22.01 -4.27 53.46
CA ALA A 412 20.75 -4.03 54.16
C ALA A 412 19.88 -2.95 53.52
N ARG A 413 20.50 -1.86 53.06
CA ARG A 413 19.76 -0.76 52.46
C ARG A 413 19.46 -0.93 50.97
N VAL A 414 19.97 -2.00 50.37
CA VAL A 414 19.74 -2.27 48.96
C VAL A 414 18.39 -2.95 48.79
N ASP A 415 17.53 -2.38 47.94
CA ASP A 415 16.19 -2.90 47.69
C ASP A 415 16.22 -4.20 46.91
N ARG A 416 17.00 -4.21 45.83
CA ARG A 416 17.14 -5.39 44.99
C ARG A 416 18.24 -5.21 43.96
N ILE A 417 18.71 -6.32 43.41
CA ILE A 417 19.78 -6.26 42.43
C ILE A 417 19.52 -7.26 41.30
N ASP A 418 19.70 -6.80 40.07
CA ASP A 418 19.48 -7.65 38.91
C ASP A 418 20.70 -8.55 38.69
N ASP A 419 20.61 -9.47 37.73
CA ASP A 419 21.70 -10.38 37.46
C ASP A 419 22.99 -9.68 37.11
N VAL A 420 22.91 -8.74 36.17
CA VAL A 420 24.09 -7.96 35.75
C VAL A 420 24.80 -7.39 36.98
N GLY A 421 24.03 -6.79 37.88
CA GLY A 421 24.62 -6.21 39.07
C GLY A 421 25.19 -7.26 39.99
N ARG A 422 24.49 -8.38 40.10
CA ARG A 422 24.91 -9.49 40.94
C ARG A 422 26.22 -10.11 40.43
N ARG A 423 26.37 -10.25 39.11
CA ARG A 423 27.59 -10.80 38.54
C ARG A 423 28.77 -9.83 38.66
N LEU A 424 28.52 -8.55 38.42
CA LEU A 424 29.57 -7.55 38.52
C LEU A 424 30.05 -7.40 39.96
N ILE A 425 29.12 -7.23 40.88
CA ILE A 425 29.49 -7.08 42.27
C ILE A 425 30.17 -8.35 42.81
N ALA A 426 29.66 -9.52 42.44
CA ALA A 426 30.26 -10.76 42.90
C ALA A 426 31.72 -10.85 42.45
N GLU A 427 31.98 -10.47 41.20
CA GLU A 427 33.34 -10.50 40.66
C GLU A 427 34.21 -9.54 41.43
N GLY A 428 33.66 -8.38 41.77
CA GLY A 428 34.42 -7.40 42.51
C GLY A 428 34.91 -7.99 43.81
N VAL A 429 34.02 -8.68 44.52
CA VAL A 429 34.37 -9.31 45.78
C VAL A 429 35.45 -10.36 45.52
N ARG A 430 35.23 -11.21 44.54
CA ARG A 430 36.19 -12.25 44.18
C ARG A 430 37.60 -11.69 43.96
N ARG A 431 37.68 -10.53 43.30
CA ARG A 431 38.96 -9.89 43.02
C ARG A 431 39.56 -9.17 44.22
N LEU A 432 38.72 -8.75 45.17
CA LEU A 432 39.23 -8.09 46.36
C LEU A 432 39.97 -9.16 47.16
N GLN A 433 39.26 -10.25 47.43
CA GLN A 433 39.82 -11.36 48.19
C GLN A 433 41.17 -11.77 47.61
N ALA A 434 41.25 -11.84 46.28
CA ALA A 434 42.49 -12.22 45.62
C ALA A 434 43.62 -11.27 46.00
N ASP A 435 43.28 -10.15 46.64
CA ASP A 435 44.30 -9.20 47.05
C ASP A 435 44.72 -9.43 48.50
N GLY A 436 44.27 -10.54 49.07
CA GLY A 436 44.60 -10.85 50.44
C GLY A 436 43.79 -10.05 51.43
N VAL A 437 42.68 -9.51 50.95
CA VAL A 437 41.79 -8.72 51.77
C VAL A 437 40.63 -9.61 52.22
N ARG A 438 40.27 -9.53 53.50
CA ARG A 438 39.15 -10.31 54.01
C ARG A 438 37.89 -9.57 53.61
N VAL A 439 36.89 -10.30 53.15
CA VAL A 439 35.66 -9.65 52.72
C VAL A 439 34.43 -10.31 53.32
N GLU A 440 33.66 -9.56 54.08
CA GLU A 440 32.44 -10.12 54.66
C GLU A 440 31.23 -9.35 54.14
N VAL A 441 30.29 -10.12 53.59
CA VAL A 441 29.07 -9.56 53.03
C VAL A 441 27.89 -9.70 53.97
N GLU A 442 27.56 -8.61 54.66
CA GLU A 442 26.43 -8.62 55.57
C GLU A 442 25.20 -8.41 54.68
N ASP A 443 24.40 -9.46 54.56
CA ASP A 443 23.21 -9.45 53.72
C ASP A 443 22.02 -10.05 54.44
N PRO A 444 21.37 -9.27 55.31
CA PRO A 444 20.20 -9.79 56.05
C PRO A 444 19.27 -10.66 55.20
N GLU A 445 18.54 -10.03 54.29
CA GLU A 445 17.60 -10.75 53.46
C GLU A 445 18.24 -11.23 52.16
N ARG A 446 19.07 -12.28 52.27
CA ARG A 446 19.80 -12.88 51.16
C ARG A 446 19.39 -12.37 49.78
N ILE A 447 20.08 -11.33 49.31
CA ILE A 447 19.80 -10.71 48.03
C ILE A 447 20.89 -10.99 47.00
N LEU A 448 22.08 -11.27 47.49
CA LEU A 448 23.21 -11.50 46.62
C LEU A 448 23.19 -12.64 45.60
N MET B 1 -2.79 -19.76 -54.00
CA MET B 1 -1.71 -20.16 -53.05
C MET B 1 -2.26 -20.13 -51.64
N ARG B 2 -1.41 -20.45 -50.67
CA ARG B 2 -1.81 -20.40 -49.28
C ARG B 2 -1.31 -19.08 -48.72
N HIS B 3 -2.16 -18.43 -47.92
CA HIS B 3 -1.82 -17.15 -47.33
C HIS B 3 -0.50 -17.28 -46.59
N PRO B 4 0.43 -16.34 -46.82
CA PRO B 4 1.74 -16.40 -46.16
C PRO B 4 1.79 -16.10 -44.65
N ILE B 5 0.80 -15.38 -44.11
CA ILE B 5 0.83 -15.04 -42.68
C ILE B 5 0.74 -16.24 -41.74
N PRO B 6 -0.25 -17.13 -41.95
CA PRO B 6 -0.30 -18.27 -41.03
C PRO B 6 1.01 -19.09 -41.07
N ASP B 7 1.75 -18.97 -42.16
CA ASP B 7 3.02 -19.67 -42.28
C ASP B 7 4.05 -18.95 -41.42
N TYR B 8 3.96 -17.62 -41.40
CA TYR B 8 4.88 -16.82 -40.58
C TYR B 8 4.65 -17.18 -39.10
N LEU B 9 3.38 -17.36 -38.74
CA LEU B 9 2.99 -17.70 -37.38
C LEU B 9 3.44 -19.09 -36.97
N ALA B 10 3.24 -20.07 -37.84
CA ALA B 10 3.64 -21.45 -37.56
C ALA B 10 5.14 -21.45 -37.37
N SER B 11 5.81 -20.64 -38.18
CA SER B 11 7.25 -20.51 -38.11
C SER B 11 7.64 -19.94 -36.75
N LEU B 12 6.89 -18.93 -36.29
CA LEU B 12 7.14 -18.30 -34.99
C LEU B 12 6.89 -19.31 -33.86
N VAL B 13 5.85 -20.11 -34.01
CA VAL B 13 5.52 -21.11 -33.00
C VAL B 13 6.67 -22.07 -32.80
N THR B 14 7.29 -22.47 -33.91
CA THR B 14 8.40 -23.39 -33.88
C THR B 14 9.69 -22.72 -33.39
N GLU B 15 9.88 -21.45 -33.71
CA GLU B 15 11.08 -20.76 -33.27
C GLU B 15 11.05 -20.48 -31.77
N LEU B 16 9.98 -19.84 -31.29
CA LEU B 16 9.89 -19.53 -29.87
C LEU B 16 9.59 -20.80 -29.07
N GLY B 17 8.95 -21.78 -29.71
CA GLY B 17 8.67 -23.03 -29.03
C GLY B 17 9.94 -23.79 -28.68
N ALA B 18 11.07 -23.32 -29.22
CA ALA B 18 12.36 -23.96 -28.99
C ALA B 18 12.60 -24.19 -27.52
N VAL B 19 12.23 -23.20 -26.71
CA VAL B 19 12.39 -23.26 -25.27
C VAL B 19 11.05 -23.01 -24.58
N ASN B 20 11.05 -23.08 -23.25
CA ASN B 20 9.82 -22.89 -22.49
C ASN B 20 10.15 -22.44 -21.06
N PRO B 21 10.77 -21.27 -20.92
CA PRO B 21 11.13 -20.73 -19.61
C PRO B 21 9.97 -20.36 -18.68
N GLY B 22 10.26 -20.23 -17.40
CA GLY B 22 9.26 -19.86 -16.40
C GLY B 22 8.54 -21.06 -15.82
N GLU B 23 7.30 -20.83 -15.39
CA GLU B 23 6.49 -21.91 -14.82
C GLU B 23 5.01 -21.55 -14.83
N THR B 24 4.18 -22.56 -14.70
CA THR B 24 2.74 -22.36 -14.68
C THR B 24 2.35 -21.65 -13.39
N ALA B 25 1.13 -21.13 -13.34
CA ALA B 25 0.66 -20.46 -12.12
C ALA B 25 0.57 -21.55 -11.05
N GLN B 26 1.31 -21.37 -9.97
CA GLN B 26 1.34 -22.35 -8.89
C GLN B 26 0.22 -22.26 -7.85
N TYR B 27 -0.39 -21.08 -7.72
CA TYR B 27 -1.43 -20.89 -6.71
C TYR B 27 -2.54 -21.95 -6.61
N ILE B 28 -2.73 -22.73 -7.66
CA ILE B 28 -3.72 -23.80 -7.63
C ILE B 28 -3.20 -24.95 -8.47
N PRO B 29 -3.57 -26.18 -8.10
CA PRO B 29 -3.15 -27.40 -8.79
C PRO B 29 -3.65 -27.50 -10.23
N VAL B 30 -4.87 -27.02 -10.45
CA VAL B 30 -5.46 -27.08 -11.78
C VAL B 30 -4.62 -26.32 -12.80
N LEU B 31 -4.00 -25.22 -12.37
CA LEU B 31 -3.15 -24.44 -13.28
C LEU B 31 -1.69 -24.83 -13.13
N ALA B 32 -1.30 -25.25 -11.93
CA ALA B 32 0.07 -25.64 -11.69
C ALA B 32 0.38 -26.98 -12.33
N GLU B 33 -0.64 -27.78 -12.57
CA GLU B 33 -0.46 -29.11 -13.16
C GLU B 33 -0.76 -29.20 -14.66
N ALA B 34 -1.31 -28.14 -15.24
CA ALA B 34 -1.64 -28.14 -16.67
C ALA B 34 -0.41 -28.43 -17.52
N ASP B 35 -0.63 -29.05 -18.69
CA ASP B 35 0.46 -29.36 -19.60
C ASP B 35 1.12 -28.05 -20.03
N PRO B 36 2.41 -27.90 -19.73
CA PRO B 36 3.16 -26.68 -20.09
C PRO B 36 3.62 -26.68 -21.53
N ASP B 37 3.56 -27.84 -22.17
CA ASP B 37 4.00 -28.01 -23.54
C ASP B 37 2.92 -27.71 -24.59
N ARG B 38 2.41 -26.48 -24.55
CA ARG B 38 1.40 -26.03 -25.51
C ARG B 38 1.71 -24.58 -25.91
N PHE B 39 1.37 -24.22 -27.14
CA PHE B 39 1.67 -22.89 -27.64
C PHE B 39 0.85 -22.60 -28.90
N GLY B 40 -0.01 -21.60 -28.82
CA GLY B 40 -0.83 -21.23 -29.95
C GLY B 40 -0.87 -19.72 -30.15
N ILE B 41 -1.22 -19.28 -31.35
CA ILE B 41 -1.31 -17.87 -31.65
C ILE B 41 -2.27 -17.68 -32.79
N ALA B 42 -3.08 -16.64 -32.71
CA ALA B 42 -4.05 -16.34 -33.75
C ALA B 42 -4.12 -14.85 -34.00
N LEU B 43 -4.62 -14.52 -35.17
CA LEU B 43 -4.78 -13.14 -35.58
C LEU B 43 -6.09 -12.99 -36.31
N ALA B 44 -6.87 -12.00 -35.93
CA ALA B 44 -8.15 -11.74 -36.57
C ALA B 44 -7.99 -10.35 -37.17
N THR B 45 -8.18 -10.26 -38.48
CA THR B 45 -8.05 -8.99 -39.18
C THR B 45 -9.35 -8.20 -39.09
N PRO B 46 -9.28 -6.88 -39.34
CA PRO B 46 -10.48 -6.04 -39.26
C PRO B 46 -11.55 -6.46 -40.26
N THR B 47 -11.13 -7.01 -41.39
CA THR B 47 -12.08 -7.42 -42.41
C THR B 47 -12.79 -8.76 -42.23
N GLY B 48 -12.18 -9.68 -41.49
CA GLY B 48 -12.86 -10.96 -41.27
C GLY B 48 -12.03 -12.20 -41.47
N ARG B 49 -10.72 -12.04 -41.58
CA ARG B 49 -9.83 -13.19 -41.77
C ARG B 49 -9.24 -13.67 -40.45
N LEU B 50 -8.95 -14.97 -40.39
CA LEU B 50 -8.42 -15.54 -39.17
C LEU B 50 -7.21 -16.44 -39.42
N HIS B 51 -6.04 -15.86 -39.14
CA HIS B 51 -4.76 -16.56 -39.33
C HIS B 51 -4.31 -17.10 -37.97
N CYS B 52 -3.96 -18.38 -37.93
CA CYS B 52 -3.53 -18.96 -36.68
C CYS B 52 -2.45 -20.05 -36.81
N ALA B 53 -1.93 -20.52 -35.68
CA ALA B 53 -0.90 -21.54 -35.66
C ALA B 53 -0.74 -22.19 -34.28
N GLY B 54 -0.25 -23.43 -34.27
CA GLY B 54 -0.04 -24.14 -33.02
C GLY B 54 -1.35 -24.46 -32.34
N ASP B 55 -1.31 -24.55 -31.01
CA ASP B 55 -2.48 -24.85 -30.22
C ASP B 55 -3.47 -23.72 -30.11
N ALA B 56 -3.75 -23.09 -31.22
CA ALA B 56 -4.73 -22.02 -31.19
C ALA B 56 -6.22 -22.50 -30.93
N ASP B 57 -6.48 -23.84 -30.73
CA ASP B 57 -7.85 -24.50 -30.50
C ASP B 57 -8.06 -25.12 -29.11
N VAL B 58 -7.04 -24.86 -28.31
CA VAL B 58 -7.08 -25.37 -26.98
C VAL B 58 -7.67 -24.36 -26.01
N GLU B 59 -8.66 -24.79 -25.26
CA GLU B 59 -9.32 -23.91 -24.29
C GLU B 59 -8.56 -23.76 -22.97
N PHE B 60 -8.62 -22.54 -22.43
CA PHE B 60 -7.97 -22.23 -21.16
C PHE B 60 -8.79 -21.12 -20.51
N THR B 61 -8.72 -20.99 -19.19
CA THR B 61 -9.50 -19.94 -18.55
C THR B 61 -8.87 -18.58 -18.84
N ILE B 62 -9.69 -17.64 -19.32
CA ILE B 62 -9.26 -16.31 -19.70
C ILE B 62 -8.61 -15.44 -18.61
N GLN B 63 -9.01 -15.65 -17.35
CA GLN B 63 -8.48 -14.89 -16.23
C GLN B 63 -8.47 -13.38 -16.44
N SER B 64 -7.37 -12.73 -16.10
CA SER B 64 -7.27 -11.26 -16.22
C SER B 64 -7.57 -10.69 -17.59
N ALA B 65 -7.43 -11.51 -18.62
CA ALA B 65 -7.70 -11.05 -19.98
C ALA B 65 -9.20 -10.77 -20.16
N SER B 66 -10.01 -10.99 -19.12
CA SER B 66 -11.45 -10.74 -19.21
C SER B 66 -11.78 -9.32 -18.79
N LYS B 67 -10.86 -8.71 -18.06
CA LYS B 67 -11.01 -7.36 -17.52
C LYS B 67 -11.42 -6.24 -18.48
N PRO B 68 -10.92 -6.24 -19.72
CA PRO B 68 -11.37 -5.14 -20.59
C PRO B 68 -12.80 -5.30 -21.11
N PHE B 69 -13.27 -6.55 -21.14
CA PHE B 69 -14.61 -6.85 -21.62
C PHE B 69 -15.67 -6.54 -20.57
N THR B 70 -15.40 -6.86 -19.32
CA THR B 70 -16.35 -6.53 -18.28
C THR B 70 -16.37 -5.00 -18.13
N TYR B 71 -15.23 -4.36 -18.32
CA TYR B 71 -15.12 -2.90 -18.22
C TYR B 71 -15.96 -2.29 -19.33
N ALA B 72 -15.94 -2.96 -20.49
CA ALA B 72 -16.70 -2.49 -21.63
C ALA B 72 -18.19 -2.66 -21.34
N ALA B 73 -18.55 -3.82 -20.76
CA ALA B 73 -19.95 -4.07 -20.43
C ALA B 73 -20.44 -3.05 -19.43
N ALA B 74 -19.65 -2.83 -18.38
CA ALA B 74 -20.01 -1.87 -17.34
C ALA B 74 -20.19 -0.45 -17.86
N LEU B 75 -19.32 -0.02 -18.76
CA LEU B 75 -19.41 1.32 -19.30
C LEU B 75 -20.67 1.49 -20.13
N VAL B 76 -21.06 0.43 -20.83
CA VAL B 76 -22.25 0.46 -21.65
C VAL B 76 -23.51 0.38 -20.79
N ASP B 77 -23.47 -0.43 -19.73
CA ASP B 77 -24.61 -0.58 -18.85
C ASP B 77 -24.87 0.57 -17.88
N ARG B 78 -23.84 1.30 -17.50
CA ARG B 78 -24.00 2.39 -16.54
C ARG B 78 -23.61 3.77 -17.07
N GLY B 79 -22.79 3.80 -18.10
CA GLY B 79 -22.35 5.07 -18.65
C GLY B 79 -21.09 5.49 -17.93
N PHE B 80 -20.23 6.25 -18.61
CA PHE B 80 -18.97 6.67 -18.02
C PHE B 80 -19.04 7.25 -16.62
N ALA B 81 -19.81 8.32 -16.44
CA ALA B 81 -19.93 8.97 -15.15
C ALA B 81 -20.05 7.98 -13.98
N ALA B 82 -20.96 7.02 -14.09
CA ALA B 82 -21.16 6.05 -13.01
C ALA B 82 -19.96 5.12 -12.78
N VAL B 83 -19.24 4.78 -13.84
CA VAL B 83 -18.08 3.90 -13.70
C VAL B 83 -16.81 4.65 -13.29
N ASP B 84 -16.60 5.84 -13.85
CA ASP B 84 -15.41 6.63 -13.51
C ASP B 84 -15.40 6.99 -12.03
N ARG B 85 -16.58 7.03 -11.43
CA ARG B 85 -16.70 7.35 -10.02
C ARG B 85 -16.13 6.21 -9.16
N GLN B 86 -16.09 5.01 -9.70
CA GLN B 86 -15.60 3.85 -8.95
C GLN B 86 -14.29 3.29 -9.48
N VAL B 87 -13.92 3.65 -10.70
CA VAL B 87 -12.70 3.14 -11.29
C VAL B 87 -11.88 4.25 -11.94
N GLY B 88 -10.68 4.48 -11.42
CA GLY B 88 -9.81 5.50 -11.96
C GLY B 88 -9.20 5.09 -13.29
N LEU B 89 -8.24 5.89 -13.76
CA LEU B 89 -7.55 5.68 -15.04
C LEU B 89 -6.04 5.79 -14.88
N ASN B 90 -5.54 5.57 -13.67
CA ASN B 90 -4.11 5.68 -13.40
C ASN B 90 -3.40 4.35 -13.39
N PRO B 91 -2.29 4.24 -14.13
CA PRO B 91 -1.53 2.98 -14.15
C PRO B 91 -1.04 2.59 -12.76
N SER B 92 -0.92 1.29 -12.52
CA SER B 92 -0.52 0.84 -11.20
C SER B 92 -0.02 -0.60 -11.17
N GLY B 93 0.69 -0.95 -10.09
CA GLY B 93 1.18 -2.32 -9.92
C GLY B 93 0.08 -3.11 -9.23
N GLU B 94 0.10 -4.44 -9.34
CA GLU B 94 -0.95 -5.26 -8.71
C GLU B 94 -0.88 -5.07 -7.20
N ALA B 95 0.34 -4.99 -6.66
CA ALA B 95 0.51 -4.79 -5.21
C ALA B 95 -0.42 -3.68 -4.79
N PHE B 96 -1.25 -3.95 -3.80
CA PHE B 96 -2.25 -3.00 -3.33
C PHE B 96 -1.81 -1.99 -2.26
N ASN B 97 -2.22 -0.74 -2.44
CA ASN B 97 -1.91 0.31 -1.48
C ASN B 97 -3.19 1.02 -1.07
N GLU B 98 -3.46 1.05 0.24
CA GLU B 98 -4.68 1.70 0.76
C GLU B 98 -4.73 3.20 0.40
N LEU B 99 -3.58 3.86 0.37
CA LEU B 99 -3.53 5.27 0.05
C LEU B 99 -4.19 5.56 -1.28
N SER B 100 -4.20 4.56 -2.14
CA SER B 100 -4.83 4.79 -3.42
C SER B 100 -6.36 5.05 -3.28
N LEU B 101 -7.05 4.66 -2.17
CA LEU B 101 -8.52 4.91 -1.92
C LEU B 101 -8.78 6.10 -0.96
N GLU B 102 -7.69 6.70 -0.46
CA GLU B 102 -7.79 7.84 0.44
C GLU B 102 -7.92 9.14 -0.33
N ALA B 103 -7.41 9.14 -1.55
CA ALA B 103 -7.49 10.35 -2.38
C ALA B 103 -8.94 10.76 -2.44
N GLU B 104 -9.18 12.00 -2.76
CA GLU B 104 -10.51 12.50 -2.87
C GLU B 104 -11.14 11.70 -3.99
N SER B 105 -10.34 10.84 -4.62
CA SER B 105 -10.82 9.99 -5.70
C SER B 105 -11.62 8.78 -5.19
N HIS B 106 -11.30 8.33 -3.96
CA HIS B 106 -11.84 7.13 -3.27
C HIS B 106 -12.18 6.02 -4.26
N ARG B 107 -11.18 5.57 -5.00
CA ARG B 107 -11.42 4.53 -6.01
C ARG B 107 -10.12 3.84 -6.47
N PRO B 108 -10.22 2.56 -6.87
CA PRO B 108 -9.04 1.83 -7.35
C PRO B 108 -8.47 2.51 -8.59
N ASP B 109 -7.15 2.43 -8.77
CA ASP B 109 -6.47 3.08 -9.88
C ASP B 109 -7.02 2.87 -11.27
N ASN B 110 -7.22 1.63 -11.67
CA ASN B 110 -7.76 1.35 -12.99
C ASN B 110 -8.46 0.00 -13.04
N ALA B 111 -9.05 -0.32 -14.18
CA ALA B 111 -9.78 -1.58 -14.33
C ALA B 111 -8.96 -2.81 -14.70
N MET B 112 -7.64 -2.67 -14.85
CA MET B 112 -6.81 -3.81 -15.23
C MET B 112 -6.24 -4.56 -14.04
N ILE B 113 -6.26 -3.90 -12.87
CA ILE B 113 -5.77 -4.50 -11.65
C ILE B 113 -6.96 -5.16 -10.93
N ASN B 114 -6.70 -6.15 -10.10
CA ASN B 114 -7.79 -6.83 -9.40
C ASN B 114 -8.79 -5.92 -8.69
N ALA B 115 -8.32 -4.98 -7.87
CA ALA B 115 -9.22 -4.08 -7.16
C ALA B 115 -10.19 -3.36 -8.11
N GLY B 116 -9.68 -2.90 -9.24
CA GLY B 116 -10.53 -2.22 -10.21
C GLY B 116 -11.44 -3.17 -10.96
N ALA B 117 -11.04 -4.44 -11.05
CA ALA B 117 -11.85 -5.44 -11.74
C ALA B 117 -13.05 -5.77 -10.84
N LEU B 118 -12.77 -5.94 -9.55
CA LEU B 118 -13.82 -6.25 -8.58
C LEU B 118 -14.84 -5.12 -8.57
N ALA B 119 -14.38 -3.87 -8.61
CA ALA B 119 -15.29 -2.74 -8.63
C ALA B 119 -16.13 -2.82 -9.89
N VAL B 120 -15.47 -3.06 -11.01
CA VAL B 120 -16.16 -3.15 -12.28
C VAL B 120 -17.24 -4.22 -12.30
N HIS B 121 -16.98 -5.37 -11.69
CA HIS B 121 -17.98 -6.43 -11.68
C HIS B 121 -19.22 -5.99 -10.90
N GLN B 122 -19.00 -5.27 -9.81
CA GLN B 122 -20.09 -4.75 -8.98
C GLN B 122 -21.06 -3.90 -9.80
N LEU B 123 -20.53 -3.14 -10.77
CA LEU B 123 -21.33 -2.26 -11.61
C LEU B 123 -21.98 -2.92 -12.82
N LEU B 124 -21.62 -4.16 -13.10
CA LEU B 124 -22.10 -4.87 -14.29
C LEU B 124 -23.53 -4.79 -14.83
N VAL B 125 -24.55 -4.76 -13.99
CA VAL B 125 -25.88 -4.70 -14.60
C VAL B 125 -26.68 -3.48 -14.14
N GLY B 126 -26.59 -3.18 -12.87
CA GLY B 126 -27.30 -2.05 -12.31
C GLY B 126 -27.23 -2.18 -10.80
N PRO B 127 -27.75 -1.19 -10.07
CA PRO B 127 -27.72 -1.27 -8.60
C PRO B 127 -28.33 -2.53 -8.00
N GLU B 128 -29.55 -2.88 -8.40
CA GLU B 128 -30.21 -4.07 -7.84
C GLU B 128 -30.05 -5.34 -8.65
N ALA B 129 -29.02 -5.40 -9.48
CA ALA B 129 -28.77 -6.60 -10.27
C ALA B 129 -28.38 -7.73 -9.34
N SER B 130 -28.86 -8.94 -9.65
CA SER B 130 -28.54 -10.09 -8.80
C SER B 130 -27.18 -10.66 -9.16
N ARG B 131 -26.62 -11.40 -8.22
CA ARG B 131 -25.33 -12.04 -8.41
C ARG B 131 -25.33 -12.80 -9.73
N LYS B 132 -26.36 -13.61 -9.95
CA LYS B 132 -26.48 -14.42 -11.17
C LYS B 132 -26.64 -13.56 -12.42
N GLU B 133 -27.28 -12.40 -12.29
CA GLU B 133 -27.47 -11.52 -13.45
C GLU B 133 -26.16 -10.92 -13.92
N ARG B 134 -25.27 -10.58 -12.99
CA ARG B 134 -23.99 -10.00 -13.35
C ARG B 134 -23.01 -11.03 -13.91
N LEU B 135 -23.06 -12.26 -13.41
CA LEU B 135 -22.16 -13.29 -13.91
C LEU B 135 -22.60 -13.64 -15.32
N ASP B 136 -23.92 -13.59 -15.57
CA ASP B 136 -24.44 -13.88 -16.90
C ASP B 136 -24.06 -12.77 -17.87
N ARG B 137 -24.09 -11.53 -17.38
CA ARG B 137 -23.74 -10.38 -18.20
C ARG B 137 -22.26 -10.40 -18.56
N ALA B 138 -21.43 -10.89 -17.64
CA ALA B 138 -20.01 -10.98 -17.88
C ALA B 138 -19.76 -12.04 -18.95
N VAL B 139 -20.46 -13.16 -18.81
CA VAL B 139 -20.30 -14.25 -19.77
C VAL B 139 -20.91 -13.90 -21.12
N GLU B 140 -21.91 -13.04 -21.13
CA GLU B 140 -22.56 -12.65 -22.37
C GLU B 140 -21.72 -11.69 -23.18
N ILE B 141 -21.19 -10.65 -22.54
CA ILE B 141 -20.40 -9.67 -23.26
C ILE B 141 -19.23 -10.36 -23.97
N MET B 142 -18.64 -11.37 -23.33
CA MET B 142 -17.52 -12.10 -23.94
C MET B 142 -17.98 -13.06 -25.04
N SER B 143 -19.18 -13.61 -24.87
CA SER B 143 -19.75 -14.53 -25.85
C SER B 143 -20.10 -13.78 -27.13
N LEU B 144 -20.65 -12.59 -26.97
CA LEU B 144 -21.03 -11.79 -28.12
C LEU B 144 -19.84 -11.38 -28.96
N LEU B 145 -18.72 -11.06 -28.32
CA LEU B 145 -17.54 -10.66 -29.09
C LEU B 145 -16.83 -11.88 -29.64
N ALA B 146 -16.80 -12.96 -28.87
CA ALA B 146 -16.15 -14.20 -29.31
C ALA B 146 -16.96 -14.83 -30.43
N GLY B 147 -18.22 -14.42 -30.54
CA GLY B 147 -19.09 -14.95 -31.57
C GLY B 147 -19.72 -16.30 -31.26
N ARG B 148 -19.47 -16.84 -30.07
CA ARG B 148 -20.03 -18.13 -29.66
C ARG B 148 -20.27 -18.17 -28.15
N ARG B 149 -21.09 -19.11 -27.69
CA ARG B 149 -21.40 -19.23 -26.26
C ARG B 149 -20.21 -19.78 -25.48
N LEU B 150 -19.75 -19.00 -24.49
CA LEU B 150 -18.62 -19.36 -23.65
C LEU B 150 -19.06 -19.99 -22.34
N SER B 151 -18.21 -20.86 -21.79
CA SER B 151 -18.52 -21.55 -20.54
C SER B 151 -17.57 -21.21 -19.41
N VAL B 152 -18.03 -21.43 -18.17
CA VAL B 152 -17.22 -21.17 -16.99
C VAL B 152 -16.62 -22.51 -16.55
N ASP B 153 -15.29 -22.59 -16.48
CA ASP B 153 -14.70 -23.85 -16.05
C ASP B 153 -14.79 -23.92 -14.54
N TRP B 154 -15.85 -24.57 -14.05
CA TRP B 154 -16.08 -24.67 -12.63
C TRP B 154 -15.01 -25.43 -11.87
N GLU B 155 -14.26 -26.29 -12.55
CA GLU B 155 -13.20 -26.99 -11.84
C GLU B 155 -12.18 -25.94 -11.39
N THR B 156 -11.88 -24.98 -12.27
CA THR B 156 -10.94 -23.90 -11.96
C THR B 156 -11.57 -22.99 -10.90
N TYR B 157 -12.86 -22.71 -11.05
CA TYR B 157 -13.58 -21.86 -10.14
C TYR B 157 -13.56 -22.37 -8.69
N GLU B 158 -14.08 -23.58 -8.45
CA GLU B 158 -14.08 -24.16 -7.11
C GLU B 158 -12.67 -24.11 -6.52
N SER B 159 -11.70 -24.55 -7.32
CA SER B 159 -10.29 -24.59 -6.91
C SER B 159 -9.78 -23.22 -6.47
N GLU B 160 -10.14 -22.20 -7.25
CA GLU B 160 -9.75 -20.83 -6.98
C GLU B 160 -10.43 -20.32 -5.72
N MET B 161 -11.71 -20.66 -5.57
CA MET B 161 -12.49 -20.23 -4.42
C MET B 161 -11.94 -20.73 -3.10
N ALA B 162 -11.16 -21.82 -3.14
CA ALA B 162 -10.58 -22.36 -1.91
C ALA B 162 -9.36 -21.53 -1.48
N VAL B 163 -8.90 -20.63 -2.34
CA VAL B 163 -7.74 -19.78 -2.02
C VAL B 163 -7.92 -18.36 -2.56
N SER B 164 -9.04 -17.73 -2.21
CA SER B 164 -9.34 -16.38 -2.69
C SER B 164 -9.23 -15.32 -1.59
N ASP B 165 -8.40 -15.59 -0.59
CA ASP B 165 -8.24 -14.65 0.52
C ASP B 165 -7.81 -13.28 0.04
N ARG B 166 -6.85 -13.22 -0.89
CA ARG B 166 -6.35 -11.95 -1.38
C ARG B 166 -7.45 -11.12 -2.03
N ASN B 167 -8.19 -11.71 -2.96
CA ASN B 167 -9.28 -10.97 -3.60
C ASN B 167 -10.36 -10.56 -2.61
N LEU B 168 -10.62 -11.43 -1.62
CA LEU B 168 -11.62 -11.12 -0.61
C LEU B 168 -11.11 -9.91 0.17
N SER B 169 -9.79 -9.86 0.32
CA SER B 169 -9.15 -8.76 1.02
C SER B 169 -9.42 -7.47 0.26
N LEU B 170 -9.20 -7.48 -1.05
CA LEU B 170 -9.42 -6.31 -1.88
C LEU B 170 -10.88 -5.88 -1.83
N ALA B 171 -11.80 -6.85 -1.91
CA ALA B 171 -13.24 -6.59 -1.88
C ALA B 171 -13.68 -5.92 -0.57
N HIS B 172 -13.23 -6.44 0.56
CA HIS B 172 -13.58 -5.89 1.86
C HIS B 172 -13.09 -4.45 2.00
N MET B 173 -11.83 -4.22 1.66
CA MET B 173 -11.25 -2.89 1.74
C MET B 173 -12.12 -1.97 0.87
N LEU B 174 -12.42 -2.44 -0.34
CA LEU B 174 -13.26 -1.65 -1.23
C LEU B 174 -14.60 -1.32 -0.56
N ARG B 175 -15.25 -2.31 0.08
CA ARG B 175 -16.52 -2.08 0.76
C ARG B 175 -16.36 -0.96 1.78
N SER B 176 -15.36 -1.09 2.64
CA SER B 176 -15.13 -0.08 3.68
C SER B 176 -15.06 1.34 3.10
N TYR B 177 -14.58 1.47 1.87
CA TYR B 177 -14.48 2.79 1.25
C TYR B 177 -15.68 3.13 0.39
N GLY B 178 -16.65 2.23 0.36
CA GLY B 178 -17.86 2.45 -0.41
C GLY B 178 -17.78 2.21 -1.90
N VAL B 179 -16.83 1.42 -2.36
CA VAL B 179 -16.71 1.15 -3.78
C VAL B 179 -17.52 -0.10 -4.12
N LEU B 180 -17.72 -0.94 -3.11
CA LEU B 180 -18.55 -2.14 -3.27
C LEU B 180 -19.67 -2.02 -2.28
N GLN B 181 -20.91 -2.15 -2.74
CA GLN B 181 -22.03 -2.07 -1.83
C GLN B 181 -22.48 -3.47 -1.42
N ASP B 182 -22.31 -4.44 -2.30
CA ASP B 182 -22.70 -5.82 -2.00
C ASP B 182 -21.66 -6.54 -1.15
N SER B 183 -21.92 -7.81 -0.86
CA SER B 183 -21.04 -8.65 -0.07
C SER B 183 -19.67 -8.90 -0.76
N ALA B 184 -18.59 -8.87 0.03
CA ALA B 184 -17.27 -9.10 -0.52
C ALA B 184 -17.22 -10.48 -1.15
N GLU B 185 -17.79 -11.45 -0.42
CA GLU B 185 -17.82 -12.83 -0.89
C GLU B 185 -18.61 -12.96 -2.18
N GLU B 186 -19.70 -12.20 -2.30
CA GLU B 186 -20.51 -12.25 -3.51
C GLU B 186 -19.73 -11.71 -4.73
N ILE B 187 -19.12 -10.55 -4.57
CA ILE B 187 -18.38 -9.96 -5.68
C ILE B 187 -17.16 -10.80 -6.08
N VAL B 188 -16.44 -11.34 -5.12
CA VAL B 188 -15.28 -12.15 -5.43
C VAL B 188 -15.63 -13.44 -6.18
N ALA B 189 -16.72 -14.11 -5.79
CA ALA B 189 -17.12 -15.33 -6.48
C ALA B 189 -17.51 -14.98 -7.93
N GLY B 190 -18.24 -13.88 -8.08
CA GLY B 190 -18.62 -13.44 -9.41
C GLY B 190 -17.39 -13.17 -10.28
N TYR B 191 -16.42 -12.45 -9.72
CA TYR B 191 -15.18 -12.11 -10.43
C TYR B 191 -14.39 -13.38 -10.78
N VAL B 192 -14.23 -14.25 -9.80
CA VAL B 192 -13.53 -15.52 -10.03
C VAL B 192 -14.18 -16.35 -11.14
N ALA B 193 -15.53 -16.40 -11.14
CA ALA B 193 -16.28 -17.16 -12.14
C ALA B 193 -15.95 -16.55 -13.50
N GLN B 194 -16.01 -15.23 -13.56
CA GLN B 194 -15.69 -14.43 -14.74
C GLN B 194 -14.32 -14.82 -15.32
N CYS B 195 -13.33 -14.97 -14.46
CA CYS B 195 -11.98 -15.33 -14.89
C CYS B 195 -11.89 -16.81 -15.21
N ALA B 196 -13.00 -17.53 -15.03
CA ALA B 196 -13.04 -18.96 -15.29
C ALA B 196 -13.64 -19.27 -16.65
N VAL B 197 -14.03 -18.21 -17.35
CA VAL B 197 -14.60 -18.35 -18.67
C VAL B 197 -13.57 -18.99 -19.60
N LEU B 198 -13.96 -20.08 -20.27
CA LEU B 198 -13.06 -20.79 -21.19
C LEU B 198 -13.02 -20.22 -22.60
N VAL B 199 -11.82 -19.87 -23.03
CA VAL B 199 -11.61 -19.31 -24.37
C VAL B 199 -10.41 -19.96 -25.05
N THR B 200 -10.31 -19.74 -26.34
CA THR B 200 -9.19 -20.25 -27.12
C THR B 200 -8.50 -19.03 -27.69
N VAL B 201 -7.25 -19.21 -28.11
CA VAL B 201 -6.49 -18.14 -28.71
C VAL B 201 -7.30 -17.50 -29.83
N LYS B 202 -7.99 -18.31 -30.61
CA LYS B 202 -8.81 -17.77 -31.70
C LYS B 202 -9.89 -16.85 -31.15
N ASP B 203 -10.53 -17.26 -30.05
CA ASP B 203 -11.56 -16.44 -29.42
C ASP B 203 -10.98 -15.07 -29.09
N LEU B 204 -9.86 -15.05 -28.36
CA LEU B 204 -9.21 -13.81 -27.96
C LEU B 204 -8.90 -12.93 -29.15
N ALA B 205 -8.39 -13.56 -30.22
CA ALA B 205 -8.03 -12.83 -31.42
C ALA B 205 -9.22 -12.05 -31.96
N VAL B 206 -10.34 -12.76 -32.08
CA VAL B 206 -11.57 -12.18 -32.60
C VAL B 206 -12.12 -11.12 -31.63
N MET B 207 -12.11 -11.45 -30.35
CA MET B 207 -12.59 -10.52 -29.32
C MET B 207 -11.76 -9.26 -29.35
N GLY B 208 -10.44 -9.43 -29.52
CA GLY B 208 -9.56 -8.28 -29.59
C GLY B 208 -9.83 -7.45 -30.83
N ALA B 209 -10.06 -8.13 -31.94
CA ALA B 209 -10.32 -7.46 -33.20
C ALA B 209 -11.53 -6.54 -33.05
N CYS B 210 -12.47 -6.96 -32.18
CA CYS B 210 -13.68 -6.19 -31.92
C CYS B 210 -13.35 -4.83 -31.31
N LEU B 211 -12.30 -4.79 -30.50
CA LEU B 211 -11.90 -3.54 -29.87
C LEU B 211 -11.07 -2.74 -30.86
N ALA B 212 -10.33 -3.45 -31.70
CA ALA B 212 -9.46 -2.81 -32.68
C ALA B 212 -10.24 -2.09 -33.78
N THR B 213 -11.45 -2.54 -34.05
CA THR B 213 -12.28 -1.94 -35.09
C THR B 213 -13.05 -0.73 -34.58
N GLY B 214 -13.13 -0.60 -33.26
CA GLY B 214 -13.87 0.49 -32.67
C GLY B 214 -15.23 -0.03 -32.25
N GLY B 215 -15.36 -1.35 -32.16
CA GLY B 215 -16.61 -1.94 -31.73
C GLY B 215 -17.32 -2.81 -32.77
N ILE B 216 -16.80 -2.84 -33.99
CA ILE B 216 -17.41 -3.63 -35.05
C ILE B 216 -16.89 -5.07 -35.08
N HIS B 217 -17.79 -6.05 -35.09
CA HIS B 217 -17.33 -7.43 -35.16
C HIS B 217 -16.83 -7.64 -36.58
N PRO B 218 -15.56 -8.08 -36.71
CA PRO B 218 -14.95 -8.31 -38.02
C PRO B 218 -15.54 -9.47 -38.82
N MET B 219 -16.42 -10.26 -38.19
CA MET B 219 -17.01 -11.39 -38.89
C MET B 219 -18.42 -11.13 -39.41
N THR B 220 -19.10 -10.13 -38.86
CA THR B 220 -20.46 -9.84 -39.29
C THR B 220 -20.68 -8.39 -39.64
N GLY B 221 -19.72 -7.54 -39.29
CA GLY B 221 -19.85 -6.12 -39.58
C GLY B 221 -20.84 -5.45 -38.64
N GLU B 222 -21.38 -6.20 -37.69
CA GLU B 222 -22.34 -5.66 -36.73
C GLU B 222 -21.59 -4.92 -35.63
N ARG B 223 -22.24 -3.93 -35.02
CA ARG B 223 -21.59 -3.17 -33.95
C ARG B 223 -21.91 -3.77 -32.58
N MET B 224 -20.87 -4.27 -31.90
CA MET B 224 -21.01 -4.87 -30.59
C MET B 224 -20.91 -3.87 -29.44
N LEU B 225 -20.08 -2.84 -29.62
CA LEU B 225 -19.90 -1.82 -28.60
C LEU B 225 -19.82 -0.47 -29.26
N PRO B 226 -20.08 0.60 -28.50
CA PRO B 226 -20.02 1.96 -29.03
C PRO B 226 -18.53 2.29 -29.27
N SER B 227 -18.21 2.96 -30.36
CA SER B 227 -16.80 3.27 -30.61
C SER B 227 -16.12 3.98 -29.44
N ILE B 228 -16.87 4.81 -28.73
CA ILE B 228 -16.33 5.56 -27.60
C ILE B 228 -15.99 4.65 -26.41
N VAL B 229 -16.82 3.63 -26.17
CA VAL B 229 -16.58 2.67 -25.09
C VAL B 229 -15.35 1.81 -25.41
N ALA B 230 -15.23 1.42 -26.68
CA ALA B 230 -14.11 0.61 -27.10
C ALA B 230 -12.80 1.39 -27.00
N ARG B 231 -12.82 2.61 -27.50
CA ARG B 231 -11.63 3.45 -27.47
C ARG B 231 -11.06 3.52 -26.06
N ARG B 232 -11.95 3.75 -25.09
CA ARG B 232 -11.52 3.84 -23.71
C ARG B 232 -10.91 2.54 -23.22
N VAL B 233 -11.58 1.42 -23.50
CA VAL B 233 -11.07 0.13 -23.06
C VAL B 233 -9.66 -0.13 -23.57
N VAL B 234 -9.40 0.21 -24.83
CA VAL B 234 -8.07 -0.02 -25.39
C VAL B 234 -7.06 0.96 -24.80
N SER B 235 -7.51 2.17 -24.48
CA SER B 235 -6.65 3.19 -23.87
C SER B 235 -6.08 2.69 -22.56
N VAL B 236 -6.96 2.15 -21.72
CA VAL B 236 -6.58 1.63 -20.42
C VAL B 236 -5.79 0.33 -20.54
N MET B 237 -5.97 -0.39 -21.65
CA MET B 237 -5.21 -1.61 -21.88
C MET B 237 -3.77 -1.15 -22.13
N THR B 238 -3.64 -0.11 -22.95
CA THR B 238 -2.33 0.43 -23.29
C THR B 238 -1.57 0.98 -22.08
N SER B 239 -2.25 1.81 -21.29
CA SER B 239 -1.59 2.42 -20.14
C SER B 239 -1.44 1.58 -18.89
N SER B 240 -2.35 0.64 -18.67
CA SER B 240 -2.27 -0.16 -17.45
C SER B 240 -2.25 -1.67 -17.62
N GLY B 241 -2.44 -2.14 -18.86
CA GLY B 241 -2.44 -3.57 -19.12
C GLY B 241 -1.21 -4.26 -18.58
N MET B 242 -0.03 -3.67 -18.80
CA MET B 242 1.22 -4.25 -18.32
C MET B 242 1.73 -3.61 -17.03
N TYR B 243 0.80 -3.04 -16.27
CA TYR B 243 1.11 -2.42 -14.96
C TYR B 243 2.25 -1.43 -14.99
N ASP B 244 3.18 -1.53 -14.05
CA ASP B 244 4.33 -0.61 -14.00
C ASP B 244 5.32 -0.73 -15.16
N ALA B 245 5.21 -1.81 -15.94
CA ALA B 245 6.10 -2.00 -17.08
C ALA B 245 5.41 -1.50 -18.36
N ALA B 246 4.27 -0.85 -18.20
CA ALA B 246 3.51 -0.35 -19.34
C ALA B 246 4.29 0.62 -20.25
N GLY B 247 5.22 1.37 -19.68
CA GLY B 247 6.00 2.32 -20.47
C GLY B 247 6.94 1.64 -21.45
N GLN B 248 7.80 0.76 -20.94
CA GLN B 248 8.72 0.03 -21.81
C GLN B 248 7.93 -0.81 -22.80
N TRP B 249 6.85 -1.45 -22.35
CA TRP B 249 6.04 -2.27 -23.24
C TRP B 249 5.47 -1.43 -24.39
N LEU B 250 5.03 -0.21 -24.08
CA LEU B 250 4.49 0.66 -25.11
C LEU B 250 5.57 0.94 -26.14
N ALA B 251 6.78 1.25 -25.67
CA ALA B 251 7.88 1.56 -26.58
C ALA B 251 8.36 0.38 -27.36
N ASP B 252 8.65 -0.68 -26.63
CA ASP B 252 9.17 -1.84 -27.32
C ASP B 252 8.21 -2.65 -28.17
N VAL B 253 6.95 -2.81 -27.75
CA VAL B 253 5.97 -3.60 -28.51
C VAL B 253 4.91 -2.71 -29.15
N GLY B 254 4.39 -1.77 -28.38
CA GLY B 254 3.40 -0.86 -28.92
C GLY B 254 2.06 -1.49 -29.22
N ILE B 255 1.74 -2.58 -28.54
CA ILE B 255 0.47 -3.27 -28.76
C ILE B 255 -0.37 -3.38 -27.49
N PRO B 256 -1.56 -2.74 -27.47
CA PRO B 256 -2.43 -2.80 -26.29
C PRO B 256 -2.70 -4.28 -26.03
N ALA B 257 -2.48 -4.72 -24.80
CA ALA B 257 -2.67 -6.13 -24.52
C ALA B 257 -2.84 -6.43 -23.05
N LYS B 258 -3.42 -7.59 -22.75
CA LYS B 258 -3.61 -8.03 -21.37
C LYS B 258 -3.38 -9.53 -21.27
N SER B 259 -2.59 -9.93 -20.30
CA SER B 259 -2.29 -11.33 -20.09
C SER B 259 -3.05 -11.92 -18.90
N GLY B 260 -3.26 -13.23 -18.96
CA GLY B 260 -3.93 -13.95 -17.90
C GLY B 260 -3.00 -15.03 -17.38
N VAL B 261 -3.12 -15.36 -16.10
CA VAL B 261 -2.24 -16.36 -15.48
C VAL B 261 -2.40 -17.81 -15.97
N ALA B 262 -3.24 -18.02 -16.99
CA ALA B 262 -3.43 -19.37 -17.51
C ALA B 262 -2.60 -19.52 -18.79
N GLY B 263 -1.98 -18.42 -19.22
CA GLY B 263 -1.15 -18.43 -20.41
C GLY B 263 -1.69 -17.65 -21.60
N GLY B 264 -2.92 -17.16 -21.50
CA GLY B 264 -3.49 -16.42 -22.63
C GLY B 264 -3.10 -14.95 -22.66
N VAL B 265 -2.99 -14.38 -23.85
CA VAL B 265 -2.67 -12.95 -23.97
C VAL B 265 -3.56 -12.33 -25.02
N LEU B 266 -4.27 -11.28 -24.61
CA LEU B 266 -5.19 -10.57 -25.49
C LEU B 266 -4.48 -9.39 -26.13
N GLY B 267 -4.65 -9.24 -27.43
CA GLY B 267 -4.01 -8.13 -28.11
C GLY B 267 -5.03 -7.40 -28.96
N ALA B 268 -4.91 -6.07 -29.04
CA ALA B 268 -5.83 -5.28 -29.85
C ALA B 268 -5.19 -3.99 -30.33
N LEU B 269 -4.79 -3.96 -31.60
CA LEU B 269 -4.17 -2.79 -32.19
C LEU B 269 -5.21 -2.07 -33.06
N PRO B 270 -5.60 -0.84 -32.66
CA PRO B 270 -6.59 -0.04 -33.39
C PRO B 270 -6.40 0.00 -34.88
N GLY B 271 -7.48 -0.32 -35.59
CA GLY B 271 -7.50 -0.32 -37.04
C GLY B 271 -6.68 -1.39 -37.74
N ARG B 272 -5.99 -2.24 -36.99
CA ARG B 272 -5.16 -3.24 -37.63
C ARG B 272 -5.32 -4.73 -37.33
N VAL B 273 -5.37 -5.12 -36.06
CA VAL B 273 -5.48 -6.55 -35.77
C VAL B 273 -5.80 -6.95 -34.33
N GLY B 274 -6.48 -8.08 -34.21
CA GLY B 274 -6.82 -8.65 -32.92
C GLY B 274 -5.88 -9.82 -32.70
N ILE B 275 -5.33 -9.92 -31.50
CA ILE B 275 -4.38 -10.99 -31.21
C ILE B 275 -4.76 -11.91 -30.06
N GLY B 276 -4.45 -13.18 -30.23
CA GLY B 276 -4.70 -14.17 -29.20
C GLY B 276 -3.46 -15.04 -29.14
N VAL B 277 -2.94 -15.28 -27.94
CA VAL B 277 -1.75 -16.10 -27.82
C VAL B 277 -1.98 -16.98 -26.63
N PHE B 278 -1.36 -18.17 -26.62
CA PHE B 278 -1.50 -19.09 -25.50
C PHE B 278 -0.21 -19.84 -25.21
N SER B 279 0.26 -19.73 -23.97
CA SER B 279 1.48 -20.38 -23.53
C SER B 279 1.49 -20.37 -22.01
N PRO B 280 1.07 -21.49 -21.40
CA PRO B 280 0.96 -21.74 -19.96
C PRO B 280 2.00 -21.17 -19.02
N ARG B 281 3.26 -21.19 -19.39
CA ARG B 281 4.28 -20.68 -18.48
C ARG B 281 4.41 -19.17 -18.40
N LEU B 282 4.47 -18.68 -17.17
CA LEU B 282 4.56 -17.25 -16.89
C LEU B 282 5.98 -16.82 -16.53
N ASP B 283 6.34 -15.59 -16.89
CA ASP B 283 7.66 -15.06 -16.58
C ASP B 283 7.69 -14.66 -15.10
N GLU B 284 8.74 -13.98 -14.66
CA GLU B 284 8.82 -13.59 -13.26
C GLU B 284 7.81 -12.54 -12.82
N VAL B 285 7.11 -11.88 -13.75
CA VAL B 285 6.12 -10.89 -13.36
C VAL B 285 4.69 -11.41 -13.56
N GLY B 286 4.57 -12.67 -13.96
CA GLY B 286 3.25 -13.27 -14.13
C GLY B 286 2.65 -13.36 -15.51
N ASN B 287 3.31 -12.82 -16.54
CA ASN B 287 2.78 -12.88 -17.91
C ASN B 287 3.24 -14.16 -18.60
N SER B 288 2.56 -14.51 -19.68
CA SER B 288 2.91 -15.69 -20.45
C SER B 288 4.26 -15.38 -21.08
N ALA B 289 5.27 -16.13 -20.68
CA ALA B 289 6.62 -15.92 -21.18
C ALA B 289 6.68 -15.84 -22.71
N ARG B 290 6.27 -16.92 -23.38
CA ARG B 290 6.27 -16.99 -24.84
C ARG B 290 5.21 -16.07 -25.42
N GLY B 291 4.16 -15.85 -24.64
CA GLY B 291 3.06 -15.02 -25.08
C GLY B 291 3.46 -13.58 -25.29
N VAL B 292 4.21 -13.01 -24.36
CA VAL B 292 4.63 -11.63 -24.53
C VAL B 292 5.74 -11.57 -25.57
N LEU B 293 6.63 -12.56 -25.57
CA LEU B 293 7.71 -12.59 -26.55
C LEU B 293 7.15 -12.68 -27.98
N ALA B 294 6.02 -13.35 -28.14
CA ALA B 294 5.39 -13.47 -29.44
C ALA B 294 4.83 -12.12 -29.89
N CYS B 295 4.32 -11.34 -28.94
CA CYS B 295 3.78 -10.03 -29.23
C CYS B 295 4.94 -9.13 -29.66
N ARG B 296 6.03 -9.21 -28.92
CA ARG B 296 7.21 -8.43 -29.23
C ARG B 296 7.69 -8.79 -30.65
N ARG B 297 7.61 -10.06 -31.03
CA ARG B 297 8.04 -10.48 -32.37
C ARG B 297 7.11 -9.95 -33.46
N LEU B 298 5.81 -10.09 -33.27
CA LEU B 298 4.84 -9.62 -34.25
C LEU B 298 5.05 -8.12 -34.49
N SER B 299 5.30 -7.39 -33.40
CA SER B 299 5.51 -5.96 -33.51
C SER B 299 6.77 -5.60 -34.28
N GLU B 300 7.88 -6.25 -33.95
CA GLU B 300 9.13 -5.96 -34.64
C GLU B 300 9.18 -6.45 -36.10
N ASP B 301 8.68 -7.66 -36.35
CA ASP B 301 8.72 -8.23 -37.71
C ASP B 301 7.74 -7.61 -38.70
N PHE B 302 6.57 -7.20 -38.21
CA PHE B 302 5.54 -6.59 -39.06
C PHE B 302 5.35 -5.09 -38.89
N ARG B 303 6.06 -4.48 -37.95
CA ARG B 303 5.91 -3.05 -37.66
C ARG B 303 4.53 -2.75 -37.11
N LEU B 304 3.92 -3.75 -36.50
CA LEU B 304 2.62 -3.62 -35.89
C LEU B 304 2.88 -2.87 -34.60
N HIS B 305 2.66 -1.57 -34.61
CA HIS B 305 2.93 -0.75 -33.44
C HIS B 305 2.03 0.47 -33.45
N LEU B 306 1.35 0.69 -32.33
CA LEU B 306 0.43 1.80 -32.16
C LEU B 306 1.01 3.11 -32.68
N MET B 307 2.30 3.33 -32.46
CA MET B 307 2.90 4.57 -32.93
C MET B 307 3.34 4.57 -34.38
N ASP B 308 3.15 3.45 -35.05
CA ASP B 308 3.48 3.38 -36.46
C ASP B 308 2.19 3.67 -37.15
N GLY B 309 2.02 4.89 -37.58
CA GLY B 309 0.80 5.25 -38.23
C GLY B 309 0.48 4.49 -39.51
N ASP B 310 -0.74 4.70 -39.96
CA ASP B 310 -1.19 4.01 -41.12
C ASP B 310 -2.58 4.56 -41.31
N SER B 311 -2.66 5.70 -41.98
CA SER B 311 -3.94 6.36 -42.21
C SER B 311 -4.26 6.44 -43.68
N LEU B 312 -5.55 6.61 -43.96
CA LEU B 312 -6.03 6.74 -45.33
C LEU B 312 -5.44 8.00 -45.96
N GLY B 313 -5.51 9.10 -45.21
CA GLY B 313 -4.98 10.36 -45.70
C GLY B 313 -5.58 10.79 -47.02
N GLY B 314 -4.71 11.18 -47.96
CA GLY B 314 -5.16 11.61 -49.27
C GLY B 314 -5.81 10.52 -50.09
N THR B 315 -5.49 9.27 -49.79
CA THR B 315 -6.07 8.16 -50.54
C THR B 315 -7.60 8.09 -50.43
N ALA B 316 -8.18 9.03 -49.68
CA ALA B 316 -9.64 9.08 -49.53
C ALA B 316 -10.19 9.65 -50.84
N VAL B 317 -9.33 10.37 -51.55
CA VAL B 317 -9.65 10.96 -52.84
C VAL B 317 -9.15 9.97 -53.89
N ARG B 318 -10.08 9.23 -54.50
CA ARG B 318 -9.74 8.22 -55.51
C ARG B 318 -9.15 8.83 -56.78
N PHE B 319 -9.66 10.00 -57.18
CA PHE B 319 -9.18 10.72 -58.36
C PHE B 319 -10.00 11.97 -58.65
N VAL B 320 -9.41 12.89 -59.40
CA VAL B 320 -10.08 14.14 -59.77
C VAL B 320 -10.04 14.33 -61.28
N GLU B 321 -11.18 14.15 -61.94
CA GLU B 321 -11.31 14.32 -63.39
C GLU B 321 -11.95 15.67 -63.73
N ARG B 322 -11.38 16.38 -64.70
CA ARG B 322 -11.89 17.67 -65.16
C ARG B 322 -12.40 17.45 -66.57
N GLU B 323 -13.60 16.87 -66.68
CA GLU B 323 -14.16 16.56 -67.99
C GLU B 323 -14.25 17.75 -68.93
N GLY B 324 -14.65 18.91 -68.43
CA GLY B 324 -14.74 20.07 -69.29
C GLY B 324 -15.17 21.33 -68.54
N ASP B 325 -16.42 21.36 -68.14
CA ASP B 325 -16.94 22.51 -67.41
C ASP B 325 -17.08 22.05 -66.00
N ARG B 326 -17.02 20.76 -65.87
CA ARG B 326 -17.34 20.17 -64.64
C ARG B 326 -16.27 19.24 -64.14
N VAL B 327 -16.12 19.15 -62.82
CA VAL B 327 -15.12 18.29 -62.23
C VAL B 327 -15.73 17.08 -61.51
N PHE B 328 -15.07 15.94 -61.66
CA PHE B 328 -15.52 14.71 -61.02
C PHE B 328 -14.58 14.30 -59.89
N LEU B 329 -15.06 14.43 -58.66
CA LEU B 329 -14.26 14.09 -57.49
C LEU B 329 -14.79 12.81 -56.85
N HIS B 330 -13.99 11.76 -56.89
CA HIS B 330 -14.40 10.50 -56.32
C HIS B 330 -13.68 10.20 -55.01
N LEU B 331 -14.42 9.66 -54.04
CA LEU B 331 -13.87 9.33 -52.74
C LEU B 331 -13.94 7.81 -52.53
N GLN B 332 -13.21 7.30 -51.54
CA GLN B 332 -13.19 5.86 -51.26
C GLN B 332 -12.67 5.60 -49.86
N GLY B 333 -12.85 4.38 -49.37
CA GLY B 333 -12.36 4.02 -48.06
C GLY B 333 -13.18 4.46 -46.86
N VAL B 334 -12.65 4.20 -45.66
CA VAL B 334 -13.33 4.59 -44.43
C VAL B 334 -12.90 6.02 -44.14
N ILE B 335 -13.78 6.97 -44.43
CA ILE B 335 -13.49 8.38 -44.25
C ILE B 335 -13.77 8.92 -42.85
N ARG B 336 -12.70 9.38 -42.21
CA ARG B 336 -12.76 9.96 -40.87
C ARG B 336 -12.07 11.31 -41.03
N PHE B 337 -11.67 11.94 -39.93
CA PHE B 337 -10.99 13.22 -39.99
C PHE B 337 -9.87 13.17 -41.03
N GLY B 338 -9.12 12.08 -41.01
CA GLY B 338 -8.03 11.92 -41.96
C GLY B 338 -8.44 12.17 -43.39
N GLY B 339 -9.38 11.37 -43.89
CA GLY B 339 -9.84 11.53 -45.26
C GLY B 339 -10.60 12.83 -45.45
N ALA B 340 -11.55 13.10 -44.58
CA ALA B 340 -12.35 14.31 -44.65
C ALA B 340 -11.45 15.54 -44.83
N GLU B 341 -10.37 15.61 -44.06
CA GLU B 341 -9.46 16.75 -44.14
C GLU B 341 -8.85 16.87 -45.53
N ALA B 342 -8.40 15.75 -46.08
CA ALA B 342 -7.79 15.72 -47.41
C ALA B 342 -8.78 16.12 -48.49
N VAL B 343 -10.06 15.79 -48.28
CA VAL B 343 -11.08 16.13 -49.26
C VAL B 343 -11.26 17.64 -49.25
N LEU B 344 -11.37 18.20 -48.04
CA LEU B 344 -11.54 19.64 -47.86
C LEU B 344 -10.52 20.46 -48.62
N ASP B 345 -9.25 20.07 -48.58
CA ASP B 345 -8.27 20.85 -49.31
C ASP B 345 -8.26 20.51 -50.79
N ALA B 346 -8.75 19.34 -51.15
CA ALA B 346 -8.84 18.98 -52.56
C ALA B 346 -9.87 19.96 -53.13
N LEU B 347 -10.94 20.16 -52.38
CA LEU B 347 -11.99 21.08 -52.77
C LEU B 347 -11.41 22.48 -52.85
N THR B 348 -10.78 22.92 -51.76
CA THR B 348 -10.17 24.24 -51.71
C THR B 348 -9.13 24.41 -52.81
N ASP B 349 -8.58 23.30 -53.29
CA ASP B 349 -7.58 23.36 -54.35
C ASP B 349 -8.20 23.66 -55.72
N LEU B 350 -9.52 23.82 -55.76
CA LEU B 350 -10.22 24.17 -56.99
C LEU B 350 -10.56 25.65 -56.81
N ARG B 351 -10.15 26.48 -57.77
CA ARG B 351 -10.44 27.90 -57.67
C ARG B 351 -11.92 28.16 -57.86
N THR B 352 -12.70 28.11 -56.80
CA THR B 352 -14.12 28.37 -56.94
C THR B 352 -14.44 29.72 -56.33
N GLY B 353 -13.40 30.53 -56.18
CA GLY B 353 -13.55 31.85 -55.60
C GLY B 353 -12.33 32.67 -55.94
N ALA B 354 -12.30 33.91 -55.47
CA ALA B 354 -11.14 34.76 -55.73
C ALA B 354 -9.99 34.05 -55.03
N GLU B 355 -9.20 33.30 -55.80
CA GLU B 355 -8.10 32.55 -55.22
C GLU B 355 -7.04 33.41 -54.53
N LYS B 356 -7.34 33.83 -53.30
CA LYS B 356 -6.39 34.61 -52.50
C LYS B 356 -6.07 33.77 -51.27
N PRO B 357 -5.61 32.52 -51.50
CA PRO B 357 -5.25 31.57 -50.45
C PRO B 357 -4.17 32.03 -49.49
N GLY B 358 -4.27 31.57 -48.24
CA GLY B 358 -3.29 31.92 -47.23
C GLY B 358 -2.24 30.82 -47.20
N THR B 359 -1.20 31.00 -48.01
CA THR B 359 -0.10 30.03 -48.11
C THR B 359 0.22 29.38 -46.77
N GLY B 360 -0.02 30.12 -45.69
CA GLY B 360 0.25 29.62 -44.36
C GLY B 360 1.69 29.97 -44.01
N TRP B 361 2.55 29.86 -45.01
CA TRP B 361 3.96 30.14 -44.82
C TRP B 361 4.54 31.01 -45.94
N ASP B 362 5.39 31.96 -45.56
CA ASP B 362 6.04 32.86 -46.52
C ASP B 362 7.06 32.08 -47.35
N ALA B 363 6.84 32.04 -48.66
CA ALA B 363 7.73 31.35 -49.58
C ALA B 363 9.14 31.95 -49.51
N ALA B 364 9.22 33.24 -49.17
CA ALA B 364 10.52 33.90 -49.05
C ALA B 364 11.29 33.31 -47.86
N VAL B 365 10.57 32.86 -46.84
CA VAL B 365 11.20 32.30 -45.64
C VAL B 365 11.55 30.82 -45.78
N TYR B 366 10.74 30.09 -46.53
CA TYR B 366 10.97 28.66 -46.73
C TYR B 366 11.17 28.29 -48.20
N PRO B 367 12.23 28.81 -48.83
CA PRO B 367 12.45 28.48 -50.25
C PRO B 367 12.35 26.98 -50.54
N ARG B 368 12.79 26.15 -49.59
CA ARG B 368 12.74 24.71 -49.79
C ARG B 368 11.32 24.18 -49.97
N TRP B 369 10.40 24.75 -49.20
CA TRP B 369 9.01 24.34 -49.28
C TRP B 369 8.38 24.77 -50.61
N GLN B 370 8.75 25.95 -51.08
CA GLN B 370 8.24 26.48 -52.34
C GLN B 370 8.59 25.52 -53.47
N GLU B 371 9.85 25.10 -53.49
CA GLU B 371 10.32 24.18 -54.51
C GLU B 371 9.49 22.90 -54.48
N ALA B 372 9.70 22.09 -53.43
CA ALA B 372 8.97 20.82 -53.29
C ALA B 372 7.49 20.93 -53.62
N ALA B 373 6.89 22.06 -53.27
CA ALA B 373 5.47 22.29 -53.53
C ALA B 373 5.22 22.52 -55.02
N ALA B 374 6.25 22.94 -55.74
CA ALA B 374 6.17 23.19 -57.17
C ALA B 374 6.07 21.88 -57.96
N ASP B 375 5.91 20.78 -57.24
CA ASP B 375 5.78 19.46 -57.85
C ASP B 375 4.82 18.66 -56.98
N ARG B 376 3.55 19.05 -57.02
CA ARG B 376 2.51 18.39 -56.22
C ARG B 376 2.53 16.88 -56.27
N ALA B 377 2.95 16.31 -57.39
CA ALA B 377 3.00 14.86 -57.54
C ALA B 377 4.03 14.19 -56.63
N ALA B 378 5.30 14.57 -56.79
CA ALA B 378 6.38 14.00 -56.00
C ALA B 378 6.14 14.14 -54.51
N LEU B 379 5.99 15.39 -54.07
CA LEU B 379 5.75 15.73 -52.67
C LEU B 379 4.61 14.90 -52.10
N SER B 380 3.63 14.61 -52.92
CA SER B 380 2.48 13.83 -52.48
C SER B 380 2.77 12.33 -52.29
N ALA B 381 3.55 11.73 -53.17
CA ALA B 381 3.86 10.31 -53.04
C ALA B 381 4.79 10.04 -51.86
N ALA B 382 5.71 10.97 -51.62
CA ALA B 382 6.62 10.83 -50.50
C ALA B 382 5.87 11.15 -49.18
N THR B 383 4.61 11.59 -49.27
CA THR B 383 3.85 11.87 -48.06
C THR B 383 2.43 11.28 -48.03
N GLY B 384 2.08 10.41 -48.95
CA GLY B 384 0.75 9.82 -48.88
C GLY B 384 -0.51 10.62 -49.09
N GLY B 385 -0.46 11.52 -50.06
CA GLY B 385 -1.60 12.38 -50.37
C GLY B 385 -2.61 11.82 -51.37
N GLY B 386 -2.46 10.53 -51.73
CA GLY B 386 -3.41 9.93 -52.66
C GLY B 386 -3.59 10.73 -53.93
N ALA B 387 -4.84 11.08 -54.26
CA ALA B 387 -5.11 11.84 -55.49
C ALA B 387 -5.57 13.28 -55.28
N VAL B 388 -5.33 13.85 -54.10
CA VAL B 388 -5.75 15.22 -53.84
C VAL B 388 -5.11 16.22 -54.81
N HIS B 389 -3.81 16.06 -55.07
CA HIS B 389 -3.09 16.96 -55.97
C HIS B 389 -3.78 17.09 -57.33
N GLU B 390 -4.53 16.07 -57.71
CA GLU B 390 -5.24 16.07 -58.99
C GLU B 390 -6.25 17.20 -59.07
N ALA B 391 -6.71 17.67 -57.91
CA ALA B 391 -7.68 18.75 -57.84
C ALA B 391 -7.04 20.07 -58.30
N ALA B 392 -5.80 20.30 -57.88
CA ALA B 392 -5.09 21.50 -58.27
C ALA B 392 -4.79 21.42 -59.76
N ALA B 393 -4.67 20.20 -60.26
CA ALA B 393 -4.39 19.99 -61.67
C ALA B 393 -5.57 20.45 -62.52
N ALA B 394 -6.77 20.11 -62.08
CA ALA B 394 -7.98 20.48 -62.79
C ALA B 394 -8.13 22.00 -62.87
N ALA B 395 -7.70 22.68 -61.82
CA ALA B 395 -7.78 24.14 -61.75
C ALA B 395 -6.69 24.79 -62.59
N ALA B 396 -5.82 23.98 -63.18
CA ALA B 396 -4.72 24.48 -64.00
C ALA B 396 -5.19 24.76 -65.43
N ARG B 397 -6.36 24.21 -65.78
CA ARG B 397 -6.92 24.39 -67.11
C ARG B 397 -7.81 25.62 -67.20
N ASP B 398 -7.64 26.55 -66.26
CA ASP B 398 -8.43 27.77 -66.23
C ASP B 398 -8.49 28.45 -67.60
N GLU B 399 -7.32 28.76 -68.16
CA GLU B 399 -7.23 29.42 -69.46
C GLU B 399 -7.55 28.48 -70.62
N ASN B 400 -6.94 27.29 -70.60
CA ASN B 400 -7.24 26.27 -71.60
C ASN B 400 -8.78 26.16 -71.67
N ASP B 401 -9.53 26.17 -70.54
CA ASP B 401 -11.01 26.03 -70.54
C ASP B 401 -11.68 27.25 -69.91
N GLY B 402 -12.74 27.03 -69.13
CA GLY B 402 -13.41 28.15 -68.48
C GLY B 402 -13.51 27.90 -66.99
N PRO B 403 -14.46 28.55 -66.29
CA PRO B 403 -14.62 28.35 -64.85
C PRO B 403 -15.31 27.03 -64.59
N ILE B 404 -15.08 26.47 -63.40
CA ILE B 404 -15.70 25.23 -63.01
C ILE B 404 -17.12 25.59 -62.58
N ARG B 405 -18.10 25.18 -63.38
CA ARG B 405 -19.50 25.50 -63.06
C ARG B 405 -20.18 24.43 -62.22
N THR B 406 -19.65 23.22 -62.26
CA THR B 406 -20.24 22.13 -61.51
C THR B 406 -19.20 21.15 -61.00
N VAL B 407 -19.51 20.49 -59.88
CA VAL B 407 -18.62 19.52 -59.26
C VAL B 407 -19.44 18.36 -58.73
N VAL B 408 -19.19 17.17 -59.26
CA VAL B 408 -19.91 15.98 -58.82
C VAL B 408 -19.12 15.23 -57.76
N LEU B 409 -19.80 14.85 -56.69
CA LEU B 409 -19.16 14.12 -55.62
C LEU B 409 -19.66 12.68 -55.61
N ASN B 410 -18.84 11.76 -56.10
CA ASN B 410 -19.23 10.36 -56.14
C ASN B 410 -18.71 9.66 -54.88
N LEU B 411 -19.63 9.00 -54.17
CA LEU B 411 -19.29 8.30 -52.95
C LEU B 411 -19.47 6.79 -53.04
N ALA B 412 -19.77 6.29 -54.23
CA ALA B 412 -19.98 4.86 -54.43
C ALA B 412 -18.90 3.99 -53.77
N ARG B 413 -17.64 4.31 -54.04
CA ARG B 413 -16.50 3.56 -53.50
C ARG B 413 -16.17 3.80 -52.03
N VAL B 414 -16.95 4.62 -51.35
CA VAL B 414 -16.71 4.90 -49.94
C VAL B 414 -17.40 3.84 -49.08
N ASP B 415 -16.67 3.27 -48.13
CA ASP B 415 -17.23 2.24 -47.27
C ASP B 415 -17.98 2.81 -46.08
N ARG B 416 -17.40 3.81 -45.44
CA ARG B 416 -17.99 4.42 -44.26
C ARG B 416 -17.56 5.87 -44.08
N ILE B 417 -18.26 6.55 -43.20
CA ILE B 417 -17.96 7.94 -42.86
C ILE B 417 -18.51 8.16 -41.46
N ASP B 418 -17.68 8.62 -40.54
CA ASP B 418 -18.15 8.86 -39.18
C ASP B 418 -18.84 10.22 -39.15
N ASP B 419 -19.32 10.62 -37.99
CA ASP B 419 -20.00 11.90 -37.85
C ASP B 419 -19.09 13.06 -38.20
N VAL B 420 -17.89 13.05 -37.63
CA VAL B 420 -16.90 14.10 -37.90
C VAL B 420 -16.71 14.31 -39.39
N GLY B 421 -16.57 13.21 -40.12
CA GLY B 421 -16.37 13.26 -41.55
C GLY B 421 -17.59 13.75 -42.31
N ARG B 422 -18.77 13.34 -41.84
CA ARG B 422 -20.01 13.76 -42.47
C ARG B 422 -20.14 15.28 -42.36
N ARG B 423 -19.99 15.81 -41.15
CA ARG B 423 -20.08 17.25 -40.91
C ARG B 423 -19.03 18.05 -41.69
N LEU B 424 -17.80 17.54 -41.75
CA LEU B 424 -16.74 18.24 -42.45
C LEU B 424 -17.01 18.38 -43.94
N ILE B 425 -17.30 17.26 -44.60
CA ILE B 425 -17.57 17.27 -46.02
C ILE B 425 -18.86 18.01 -46.37
N ALA B 426 -19.85 17.92 -45.48
CA ALA B 426 -21.12 18.62 -45.71
C ALA B 426 -20.83 20.11 -45.76
N GLU B 427 -20.12 20.60 -44.74
CA GLU B 427 -19.77 22.01 -44.65
C GLU B 427 -18.92 22.37 -45.84
N GLY B 428 -18.29 21.36 -46.42
CA GLY B 428 -17.45 21.62 -47.58
C GLY B 428 -18.35 21.88 -48.78
N VAL B 429 -19.37 21.04 -48.94
CA VAL B 429 -20.30 21.19 -50.05
C VAL B 429 -21.03 22.53 -49.95
N ARG B 430 -21.54 22.82 -48.76
CA ARG B 430 -22.26 24.07 -48.52
C ARG B 430 -21.43 25.28 -48.99
N ARG B 431 -20.12 25.24 -48.75
CA ARG B 431 -19.25 26.35 -49.15
C ARG B 431 -18.92 26.38 -50.64
N LEU B 432 -19.06 25.24 -51.32
CA LEU B 432 -18.79 25.22 -52.76
C LEU B 432 -19.97 25.93 -53.43
N GLN B 433 -21.17 25.50 -53.07
CA GLN B 433 -22.39 26.09 -53.60
C GLN B 433 -22.33 27.59 -53.39
N ALA B 434 -21.81 27.99 -52.23
CA ALA B 434 -21.71 29.41 -51.90
C ALA B 434 -20.87 30.11 -52.96
N ASP B 435 -20.13 29.34 -53.73
CA ASP B 435 -19.30 29.90 -54.79
C ASP B 435 -20.04 29.86 -56.12
N GLY B 436 -21.33 29.56 -56.06
CA GLY B 436 -22.14 29.51 -57.27
C GLY B 436 -21.83 28.31 -58.14
N VAL B 437 -21.36 27.23 -57.52
CA VAL B 437 -21.06 26.02 -58.24
C VAL B 437 -22.15 24.99 -57.96
N ARG B 438 -22.60 24.30 -59.01
CA ARG B 438 -23.63 23.29 -58.83
C ARG B 438 -22.89 22.08 -58.28
N VAL B 439 -23.45 21.48 -57.24
CA VAL B 439 -22.81 20.32 -56.64
C VAL B 439 -23.77 19.16 -56.48
N GLU B 440 -23.49 18.07 -57.19
CA GLU B 440 -24.34 16.91 -57.10
C GLU B 440 -23.65 15.73 -56.39
N VAL B 441 -24.32 15.24 -55.35
CA VAL B 441 -23.82 14.13 -54.57
C VAL B 441 -24.31 12.79 -55.08
N GLU B 442 -23.42 12.00 -55.65
CA GLU B 442 -23.80 10.68 -56.13
C GLU B 442 -23.55 9.75 -54.95
N ASP B 443 -24.63 9.37 -54.29
CA ASP B 443 -24.59 8.53 -53.11
C ASP B 443 -25.61 7.40 -53.19
N PRO B 444 -25.26 6.30 -53.87
CA PRO B 444 -26.18 5.17 -53.99
C PRO B 444 -26.73 4.65 -52.66
N GLU B 445 -25.84 4.16 -51.81
CA GLU B 445 -26.28 3.64 -50.52
C GLU B 445 -26.30 4.71 -49.44
N ARG B 446 -27.11 5.74 -49.67
CA ARG B 446 -27.27 6.88 -48.77
C ARG B 446 -26.40 6.81 -47.51
N ILE B 447 -25.14 7.24 -47.59
CA ILE B 447 -24.14 7.20 -46.48
C ILE B 447 -24.04 8.44 -45.72
N LEU B 448 -23.96 9.56 -46.44
CA LEU B 448 -24.03 10.89 -45.99
C LEU B 448 -25.57 11.18 -45.79
#